data_4O96
#
_entry.id   4O96
#
_cell.length_a   147.252
_cell.length_b   147.252
_cell.length_c   83.050
_cell.angle_alpha   90.00
_cell.angle_beta   90.00
_cell.angle_gamma   90.00
#
_symmetry.space_group_name_H-M   'P 4 21 2'
#
loop_
_entity.id
_entity.type
_entity.pdbx_description
1 polymer 'type III effector protein kinase'
2 non-polymer GLYCEROL
3 non-polymer DI(HYDROXYETHYL)ETHER
4 water water
#
_entity_poly.entity_id   1
_entity_poly.type   'polypeptide(L)'
_entity_poly.pdbx_seq_one_letter_code
;GNNKSPVPGNVIGKGGNAVVYEDMEDTTKVLKMFTISQSHEEVTSEVRCFNQYYGSGSAEKIYNDNGNVIGIRMNKINGE
SLLDIPSLPAQAEQAIYDMFDRLEKKGILFVDTTETNVLYDRMRNEFNPIDISSYNVSDISWSEHQVMQSYHGGKLDLIS
VVLSKI
;
_entity_poly.pdbx_strand_id   A,B,C,D
#
# COMPACT_ATOMS: atom_id res chain seq x y z
N LYS A 4 -15.89 -10.81 5.15
CA LYS A 4 -14.45 -10.48 5.44
C LYS A 4 -14.26 -8.98 5.85
N SER A 5 -14.90 -8.07 5.08
CA SER A 5 -14.96 -6.59 5.30
C SER A 5 -15.22 -6.17 6.74
N PRO A 6 -14.83 -4.95 7.11
CA PRO A 6 -15.19 -4.40 8.42
C PRO A 6 -16.65 -3.95 8.36
N VAL A 7 -17.38 -4.02 9.46
CA VAL A 7 -18.80 -3.59 9.45
C VAL A 7 -19.05 -2.43 10.44
N PRO A 8 -19.00 -1.19 9.96
CA PRO A 8 -19.20 -0.05 10.84
C PRO A 8 -20.59 0.16 11.35
N GLY A 9 -20.68 0.56 12.61
CA GLY A 9 -21.95 0.90 13.23
C GLY A 9 -22.04 2.41 13.31
N ASN A 10 -22.60 2.94 14.39
CA ASN A 10 -22.69 4.38 14.55
C ASN A 10 -21.37 5.06 14.75
N VAL A 11 -21.37 6.37 14.53
CA VAL A 11 -20.18 7.16 14.65
C VAL A 11 -19.86 7.40 16.11
N ILE A 12 -18.59 7.25 16.47
CA ILE A 12 -18.09 7.42 17.83
C ILE A 12 -17.18 8.63 17.94
N GLY A 13 -16.47 8.95 16.86
CA GLY A 13 -15.55 10.06 16.87
C GLY A 13 -15.14 10.43 15.48
N LYS A 14 -14.53 11.60 15.37
CA LYS A 14 -14.12 12.20 14.12
C LYS A 14 -12.80 12.91 14.26
N GLY A 15 -12.01 12.90 13.22
CA GLY A 15 -10.78 13.66 13.20
C GLY A 15 -10.54 14.14 11.79
N GLY A 16 -9.46 14.88 11.60
CA GLY A 16 -9.09 15.40 10.30
C GLY A 16 -8.78 14.35 9.25
N ASN A 17 -8.43 13.14 9.68
CA ASN A 17 -8.07 12.08 8.74
C ASN A 17 -8.92 10.78 8.81
N ALA A 18 -9.84 10.69 9.74
CA ALA A 18 -10.62 9.47 9.89
C ALA A 18 -11.88 9.68 10.62
N VAL A 19 -12.75 8.71 10.50
CA VAL A 19 -13.96 8.68 11.25
C VAL A 19 -13.96 7.36 11.98
N VAL A 20 -14.23 7.42 13.27
CA VAL A 20 -14.28 6.21 14.09
C VAL A 20 -15.70 5.70 14.26
N TYR A 21 -15.95 4.47 13.83
CA TYR A 21 -17.24 3.84 13.98
C TYR A 21 -17.19 2.67 14.96
N GLU A 22 -18.35 2.30 15.51
CA GLU A 22 -18.44 1.09 16.27
C GLU A 22 -18.15 -0.09 15.31
N ASP A 23 -17.67 -1.20 15.82
CA ASP A 23 -17.54 -2.42 15.01
C ASP A 23 -18.81 -3.23 15.36
N MET A 24 -19.73 -3.35 14.42
CA MET A 24 -20.96 -4.09 14.68
C MET A 24 -20.73 -5.58 14.89
N GLU A 25 -19.60 -6.10 14.40
CA GLU A 25 -19.28 -7.50 14.59
C GLU A 25 -18.70 -7.76 15.96
N ASP A 26 -18.17 -6.74 16.63
CA ASP A 26 -17.52 -6.92 17.93
C ASP A 26 -17.66 -5.70 18.83
N THR A 27 -18.46 -5.84 19.87
CA THR A 27 -18.73 -4.74 20.79
C THR A 27 -17.53 -4.17 21.48
N THR A 28 -16.48 -4.95 21.63
CA THR A 28 -15.26 -4.49 22.29
C THR A 28 -14.27 -3.79 21.34
N LYS A 29 -14.67 -3.53 20.10
CA LYS A 29 -13.78 -2.93 19.14
C LYS A 29 -14.41 -1.71 18.45
N VAL A 30 -13.58 -0.94 17.79
CA VAL A 30 -14.04 0.20 17.02
C VAL A 30 -13.28 0.17 15.72
N LEU A 31 -13.79 0.86 14.72
CA LEU A 31 -13.15 0.91 13.44
C LEU A 31 -12.79 2.36 13.15
N LYS A 32 -11.49 2.62 13.06
CA LYS A 32 -11.02 3.95 12.69
C LYS A 32 -10.84 3.89 11.20
N MET A 33 -11.78 4.44 10.44
CA MET A 33 -11.68 4.41 9.01
C MET A 33 -11.08 5.72 8.46
N PHE A 34 -9.96 5.63 7.76
CA PHE A 34 -9.32 6.81 7.19
C PHE A 34 -10.08 7.36 6.01
N THR A 35 -10.19 8.68 5.93
CA THR A 35 -10.91 9.37 4.86
C THR A 35 -10.03 9.66 3.69
N ILE A 36 -8.72 9.50 3.89
CA ILE A 36 -7.75 9.72 2.83
C ILE A 36 -6.54 8.85 3.14
N SER A 37 -5.77 8.54 2.11
CA SER A 37 -4.64 7.64 2.26
C SER A 37 -3.60 8.14 3.25
N GLN A 38 -3.13 7.24 4.13
CA GLN A 38 -2.12 7.57 5.13
C GLN A 38 -0.75 6.97 4.81
N SER A 39 0.30 7.59 5.33
CA SER A 39 1.63 7.08 5.10
C SER A 39 1.81 5.82 5.91
N HIS A 40 2.70 4.97 5.42
CA HIS A 40 3.01 3.73 6.08
C HIS A 40 3.59 3.96 7.50
N GLU A 41 4.49 4.93 7.61
CA GLU A 41 5.07 5.23 8.92
C GLU A 41 4.04 5.65 9.90
N GLU A 42 3.12 6.51 9.50
CA GLU A 42 2.15 7.06 10.45
C GLU A 42 1.17 5.99 10.87
N VAL A 43 0.69 5.19 9.94
CA VAL A 43 -0.25 4.15 10.32
C VAL A 43 0.48 3.10 11.16
N THR A 44 1.72 2.78 10.84
CA THR A 44 2.49 1.82 11.61
C THR A 44 2.76 2.29 13.02
N SER A 45 3.13 3.56 13.15
CA SER A 45 3.35 4.18 14.43
C SER A 45 2.07 4.25 15.28
N GLU A 46 0.95 4.44 14.65
CA GLU A 46 -0.27 4.51 15.41
C GLU A 46 -0.63 3.16 16.04
N VAL A 47 -0.52 2.12 15.24
CA VAL A 47 -0.83 0.77 15.69
C VAL A 47 0.19 0.33 16.77
N ARG A 48 1.47 0.58 16.50
CA ARG A 48 2.57 0.27 17.45
C ARG A 48 2.27 0.91 18.81
N CYS A 49 2.09 2.21 18.83
CA CYS A 49 1.82 2.92 20.07
C CYS A 49 0.60 2.38 20.80
N PHE A 50 -0.44 2.08 20.05
CA PHE A 50 -1.65 1.65 20.67
C PHE A 50 -1.41 0.29 21.32
N ASN A 51 -0.79 -0.64 20.58
CA ASN A 51 -0.49 -1.94 21.11
C ASN A 51 0.46 -1.87 22.27
N GLN A 52 1.43 -0.96 22.20
CA GLN A 52 2.40 -0.82 23.25
C GLN A 52 1.76 -0.33 24.52
N TYR A 53 0.73 0.50 24.43
CA TYR A 53 0.14 0.99 25.64
C TYR A 53 -0.91 0.02 26.15
N TYR A 54 -1.84 -0.38 25.29
CA TYR A 54 -2.95 -1.24 25.71
C TYR A 54 -2.71 -2.76 25.61
N GLY A 55 -1.59 -3.20 25.01
CA GLY A 55 -1.24 -4.59 24.94
C GLY A 55 -1.29 -5.13 23.54
N SER A 56 -0.49 -6.17 23.27
CA SER A 56 -0.42 -6.70 21.93
C SER A 56 -1.84 -7.14 21.56
N GLY A 57 -2.19 -7.03 20.27
CA GLY A 57 -3.53 -7.36 19.82
C GLY A 57 -4.59 -6.26 20.04
N SER A 58 -4.23 -5.11 20.63
CA SER A 58 -5.20 -4.04 20.82
C SER A 58 -5.53 -3.25 19.55
N ALA A 59 -4.71 -3.36 18.52
CA ALA A 59 -4.96 -2.63 17.28
C ALA A 59 -4.36 -3.37 16.11
N GLU A 60 -5.11 -3.50 15.04
CA GLU A 60 -4.61 -4.17 13.84
C GLU A 60 -5.04 -3.34 12.66
N LYS A 61 -4.30 -3.45 11.57
CA LYS A 61 -4.63 -2.70 10.38
C LYS A 61 -5.73 -3.40 9.65
N ILE A 62 -6.49 -2.61 8.90
CA ILE A 62 -7.58 -3.12 8.07
C ILE A 62 -7.13 -2.78 6.65
N TYR A 63 -7.14 -3.77 5.76
CA TYR A 63 -6.68 -3.59 4.39
C TYR A 63 -7.74 -3.71 3.34
N ASN A 64 -7.48 -3.13 2.19
CA ASN A 64 -8.35 -3.29 1.04
C ASN A 64 -7.70 -4.34 0.09
N ASP A 65 -8.33 -4.62 -1.03
CA ASP A 65 -7.78 -5.58 -1.94
C ASP A 65 -6.46 -5.15 -2.54
N ASN A 66 -6.18 -3.84 -2.58
CA ASN A 66 -4.88 -3.36 -3.07
C ASN A 66 -3.77 -3.52 -2.04
N GLY A 67 -4.10 -4.09 -0.88
CA GLY A 67 -3.10 -4.25 0.17
C GLY A 67 -2.76 -2.95 0.89
N ASN A 68 -3.57 -1.92 0.70
CA ASN A 68 -3.38 -0.65 1.39
C ASN A 68 -4.26 -0.58 2.60
N VAL A 69 -3.81 0.24 3.49
CA VAL A 69 -4.50 0.32 4.75
C VAL A 69 -5.63 1.34 4.73
N ILE A 70 -6.82 0.88 5.08
CA ILE A 70 -7.99 1.78 5.03
C ILE A 70 -8.44 2.17 6.39
N GLY A 71 -7.89 1.56 7.43
CA GLY A 71 -8.32 1.86 8.79
C GLY A 71 -7.64 0.96 9.80
N ILE A 72 -8.07 1.08 11.05
CA ILE A 72 -7.52 0.31 12.12
C ILE A 72 -8.65 -0.20 12.97
N ARG A 73 -8.61 -1.47 13.33
CA ARG A 73 -9.60 -2.02 14.24
C ARG A 73 -8.90 -2.04 15.59
N MET A 74 -9.49 -1.39 16.57
CA MET A 74 -8.88 -1.29 17.90
C MET A 74 -9.87 -1.41 19.01
N ASN A 75 -9.35 -1.78 20.16
CA ASN A 75 -10.15 -1.89 21.38
C ASN A 75 -10.95 -0.65 21.66
N LYS A 76 -12.21 -0.84 22.02
CA LYS A 76 -13.05 0.27 22.43
C LYS A 76 -12.51 0.53 23.83
N ILE A 77 -12.06 1.74 24.06
CA ILE A 77 -11.47 2.12 25.32
C ILE A 77 -12.51 2.50 26.37
N ASN A 78 -12.33 2.07 27.61
CA ASN A 78 -13.23 2.45 28.67
C ASN A 78 -13.05 3.90 29.13
N GLY A 79 -14.17 4.52 29.49
CA GLY A 79 -14.18 5.84 30.09
C GLY A 79 -15.12 6.81 29.41
N GLU A 80 -15.33 7.94 30.06
CA GLU A 80 -16.12 9.02 29.50
C GLU A 80 -15.12 10.16 29.20
N SER A 81 -15.42 10.96 28.17
CA SER A 81 -14.56 12.09 27.77
C SER A 81 -14.32 13.08 28.89
N LEU A 82 -13.06 13.39 29.15
CA LEU A 82 -12.71 14.30 30.23
C LEU A 82 -13.32 15.69 30.04
N LEU A 83 -13.60 16.03 28.79
CA LEU A 83 -14.29 17.28 28.48
C LEU A 83 -15.57 17.47 29.24
N ASP A 84 -16.35 16.38 29.29
CA ASP A 84 -17.68 16.40 29.85
C ASP A 84 -17.71 16.08 31.32
N ILE A 85 -16.56 16.00 31.96
CA ILE A 85 -16.49 15.68 33.39
C ILE A 85 -16.01 16.93 34.07
N PRO A 86 -16.92 17.70 34.61
CA PRO A 86 -16.53 18.94 35.27
C PRO A 86 -15.79 18.75 36.60
N SER A 87 -16.04 17.64 37.28
CA SER A 87 -15.43 17.41 38.58
C SER A 87 -14.84 16.00 38.74
N LEU A 88 -13.64 15.94 39.33
CA LEU A 88 -12.90 14.69 39.53
C LEU A 88 -12.54 14.47 40.99
N PRO A 89 -12.52 13.20 41.43
CA PRO A 89 -12.14 12.88 42.80
C PRO A 89 -10.62 13.09 42.97
N ALA A 90 -10.19 13.15 44.22
CA ALA A 90 -8.79 13.48 44.54
C ALA A 90 -7.82 12.45 44.01
N GLN A 91 -8.23 11.18 44.06
CA GLN A 91 -7.37 10.06 43.64
C GLN A 91 -7.07 10.05 42.17
N ALA A 92 -7.74 10.90 41.42
CA ALA A 92 -7.46 11.04 40.01
C ALA A 92 -6.09 11.67 39.74
N GLU A 93 -5.57 12.48 40.67
CA GLU A 93 -4.25 13.09 40.49
C GLU A 93 -3.25 11.99 40.24
N GLN A 94 -3.22 10.98 41.09
CA GLN A 94 -2.27 9.90 40.89
C GLN A 94 -2.49 9.17 39.55
N ALA A 95 -3.75 9.00 39.21
CA ALA A 95 -4.13 8.31 37.98
C ALA A 95 -3.52 8.95 36.75
N ILE A 96 -3.49 10.27 36.70
CA ILE A 96 -2.96 10.96 35.52
C ILE A 96 -1.44 10.79 35.51
N TYR A 97 -0.80 10.88 36.66
CA TYR A 97 0.65 10.67 36.69
C TYR A 97 0.93 9.21 36.24
N ASP A 98 0.05 8.29 36.62
CA ASP A 98 0.22 6.89 36.25
C ASP A 98 0.20 6.70 34.75
N MET A 99 -0.73 7.40 34.11
CA MET A 99 -0.83 7.33 32.69
C MET A 99 0.50 7.75 32.05
N PHE A 100 1.03 8.91 32.42
CA PHE A 100 2.29 9.38 31.84
C PHE A 100 3.44 8.45 32.14
N ASP A 101 3.52 7.96 33.38
CA ASP A 101 4.56 6.97 33.71
C ASP A 101 4.56 5.81 32.71
N ARG A 102 3.37 5.26 32.48
CA ARG A 102 3.20 4.11 31.65
C ARG A 102 3.62 4.44 30.22
N LEU A 103 3.24 5.61 29.72
CA LEU A 103 3.61 6.00 28.35
C LEU A 103 5.12 6.17 28.24
N GLU A 104 5.70 6.82 29.24
CA GLU A 104 7.14 7.04 29.24
C GLU A 104 7.97 5.74 29.32
N LYS A 105 7.51 4.75 30.06
CA LYS A 105 8.24 3.49 30.14
C LYS A 105 8.33 2.84 28.79
N LYS A 106 7.23 2.93 28.06
CA LYS A 106 7.15 2.31 26.76
C LYS A 106 7.96 3.11 25.74
N GLY A 107 8.52 4.26 26.15
CA GLY A 107 9.31 5.14 25.26
C GLY A 107 8.48 6.09 24.41
N ILE A 108 7.20 6.21 24.76
CA ILE A 108 6.30 7.06 24.01
C ILE A 108 6.30 8.40 24.67
N LEU A 109 6.46 9.46 23.86
CA LEU A 109 6.40 10.86 24.29
C LEU A 109 5.07 11.38 23.74
N PHE A 110 4.05 11.23 24.55
CA PHE A 110 2.69 11.50 24.17
C PHE A 110 2.59 12.90 23.67
N VAL A 111 2.05 13.05 22.48
CA VAL A 111 1.94 14.31 21.82
C VAL A 111 0.67 15.05 22.14
N ASP A 112 -0.47 14.43 21.81
CA ASP A 112 -1.77 15.07 21.97
C ASP A 112 -2.32 14.99 23.36
N THR A 113 -1.90 15.94 24.18
CA THR A 113 -2.28 16.00 25.54
C THR A 113 -3.54 16.83 25.81
N THR A 114 -4.37 17.09 24.81
CA THR A 114 -5.53 17.91 25.04
C THR A 114 -6.59 17.04 25.73
N GLU A 115 -7.46 17.65 26.53
CA GLU A 115 -8.53 16.95 27.23
C GLU A 115 -9.41 16.08 26.37
N THR A 116 -9.63 16.50 25.14
CA THR A 116 -10.49 15.78 24.21
C THR A 116 -9.84 14.49 23.78
N ASN A 117 -8.55 14.32 23.99
CA ASN A 117 -7.91 13.11 23.58
C ASN A 117 -7.68 12.10 24.72
N VAL A 118 -8.42 12.29 25.82
CA VAL A 118 -8.30 11.38 26.96
C VAL A 118 -9.67 11.02 27.56
N LEU A 119 -9.82 9.78 27.99
CA LEU A 119 -11.01 9.35 28.65
C LEU A 119 -10.66 9.05 30.10
N TYR A 120 -11.62 9.27 30.98
CA TYR A 120 -11.44 8.93 32.40
C TYR A 120 -12.47 7.87 32.79
N ASP A 121 -11.97 6.76 33.32
CA ASP A 121 -12.80 5.67 33.78
C ASP A 121 -12.91 5.86 35.25
N ARG A 122 -13.97 6.53 35.65
CA ARG A 122 -14.18 6.79 37.08
C ARG A 122 -14.29 5.55 37.96
N MET A 123 -14.83 4.48 37.40
CA MET A 123 -14.98 3.23 38.15
C MET A 123 -13.61 2.63 38.50
N ARG A 124 -12.64 2.65 37.60
CA ARG A 124 -11.29 2.12 37.89
C ARG A 124 -10.27 3.19 38.23
N ASN A 125 -10.70 4.45 38.27
CA ASN A 125 -9.81 5.59 38.47
C ASN A 125 -8.62 5.53 37.54
N GLU A 126 -8.88 5.55 36.25
CA GLU A 126 -7.79 5.47 35.26
C GLU A 126 -8.01 6.45 34.14
N PHE A 127 -6.91 6.97 33.61
CA PHE A 127 -6.94 7.82 32.43
C PHE A 127 -6.41 7.02 31.26
N ASN A 128 -7.22 6.99 30.21
CA ASN A 128 -6.92 6.26 29.00
C ASN A 128 -6.80 7.17 27.77
N PRO A 129 -5.62 7.21 27.14
CA PRO A 129 -5.43 8.05 25.99
C PRO A 129 -6.04 7.38 24.78
N ILE A 130 -6.63 8.19 23.91
CA ILE A 130 -7.32 7.73 22.73
C ILE A 130 -6.36 7.63 21.53
N ASP A 131 -5.94 8.77 20.99
CA ASP A 131 -5.08 8.77 19.85
C ASP A 131 -3.64 8.92 20.36
N ILE A 132 -2.90 7.80 20.38
CA ILE A 132 -1.56 7.82 20.89
C ILE A 132 -0.55 7.94 19.80
N SER A 133 0.28 8.94 19.89
CA SER A 133 1.34 9.15 18.94
C SER A 133 2.48 9.72 19.75
N SER A 134 3.68 9.62 19.22
CA SER A 134 4.87 10.08 19.92
C SER A 134 5.67 11.09 19.16
N TYR A 135 6.34 11.98 19.87
CA TYR A 135 7.29 12.88 19.25
C TYR A 135 8.39 11.99 18.74
N ASN A 136 9.04 12.39 17.67
CA ASN A 136 10.11 11.62 17.07
C ASN A 136 11.27 12.48 16.65
N VAL A 137 12.45 12.25 17.20
CA VAL A 137 13.62 13.03 16.83
C VAL A 137 14.17 12.61 15.46
N SER A 138 14.37 13.58 14.56
CA SER A 138 14.81 13.31 13.20
C SER A 138 15.75 14.38 12.64
N ASP A 139 16.78 13.95 11.90
CA ASP A 139 17.65 14.86 11.13
C ASP A 139 16.84 15.62 10.06
N ILE A 140 15.63 15.12 9.88
CA ILE A 140 14.65 15.66 8.94
C ILE A 140 13.90 16.85 9.57
N SER A 141 13.79 16.91 10.91
CA SER A 141 13.16 18.08 11.62
C SER A 141 13.29 18.30 13.14
N TRP A 142 12.87 17.34 13.97
CA TRP A 142 12.80 17.56 15.42
C TRP A 142 14.08 17.18 16.17
N SER A 143 14.64 18.14 16.91
CA SER A 143 15.84 17.91 17.74
C SER A 143 15.40 17.44 19.13
N GLU A 144 16.32 16.88 19.89
CA GLU A 144 15.99 16.43 21.24
C GLU A 144 15.42 17.55 22.07
N HIS A 145 16.09 18.69 22.00
CA HIS A 145 15.70 19.84 22.79
C HIS A 145 14.26 20.24 22.45
N GLN A 146 13.99 20.43 21.16
CA GLN A 146 12.63 20.76 20.67
C GLN A 146 11.58 19.79 21.23
N VAL A 147 11.89 18.51 21.08
CA VAL A 147 11.01 17.45 21.54
C VAL A 147 10.78 17.44 23.04
N MET A 148 11.84 17.43 23.84
CA MET A 148 11.62 17.47 25.27
C MET A 148 10.85 18.70 25.72
N GLN A 149 11.13 19.85 25.14
CA GLN A 149 10.47 21.08 25.50
C GLN A 149 8.96 21.00 25.25
N SER A 150 8.59 20.52 24.06
CA SER A 150 7.17 20.37 23.75
C SER A 150 6.50 19.23 24.50
N TYR A 151 7.24 18.16 24.75
CA TYR A 151 6.66 17.04 25.43
C TYR A 151 6.28 17.46 26.85
N HIS A 152 7.24 18.06 27.53
CA HIS A 152 7.07 18.53 28.91
C HIS A 152 5.91 19.53 29.06
N GLY A 153 5.84 20.46 28.12
CA GLY A 153 4.80 21.48 28.14
C GLY A 153 3.43 20.83 28.09
N GLY A 154 3.29 19.82 27.26
CA GLY A 154 1.99 19.19 27.08
C GLY A 154 1.59 18.39 28.27
N LYS A 155 2.58 17.79 28.89
CA LYS A 155 2.32 16.93 30.02
C LYS A 155 1.86 17.79 31.19
N LEU A 156 2.59 18.86 31.47
CA LEU A 156 2.19 19.75 32.56
C LEU A 156 0.84 20.39 32.27
N ASP A 157 0.59 20.68 31.02
CA ASP A 157 -0.68 21.22 30.67
C ASP A 157 -1.84 20.26 31.01
N LEU A 158 -1.74 19.01 30.60
CA LEU A 158 -2.81 18.06 30.84
C LEU A 158 -2.94 17.78 32.34
N ILE A 159 -1.83 17.73 33.03
CA ILE A 159 -1.85 17.54 34.44
C ILE A 159 -2.60 18.71 35.09
N SER A 160 -2.27 19.93 34.68
CA SER A 160 -2.90 21.10 35.28
C SER A 160 -4.41 21.08 35.06
N VAL A 161 -4.83 20.60 33.89
CA VAL A 161 -6.25 20.46 33.60
C VAL A 161 -6.89 19.50 34.61
N VAL A 162 -6.24 18.37 34.84
CA VAL A 162 -6.76 17.39 35.76
C VAL A 162 -6.82 18.00 37.11
N LEU A 163 -5.74 18.63 37.56
CA LEU A 163 -5.74 19.29 38.89
C LEU A 163 -6.85 20.34 39.06
N SER A 164 -7.22 20.99 37.97
CA SER A 164 -8.26 21.99 38.01
C SER A 164 -9.63 21.43 38.27
N LYS A 165 -9.82 20.17 37.92
CA LYS A 165 -11.12 19.56 38.09
C LYS A 165 -11.29 18.89 39.45
N ILE A 166 -10.25 18.91 40.27
CA ILE A 166 -10.33 18.30 41.58
C ILE A 166 -10.76 19.35 42.63
N LYS B 4 16.06 30.79 6.29
CA LYS B 4 14.95 30.12 5.55
C LYS B 4 13.90 29.46 6.50
N SER B 5 14.40 28.74 7.51
CA SER B 5 13.62 28.04 8.57
C SER B 5 12.36 28.77 9.10
N PRO B 6 11.39 27.99 9.56
CA PRO B 6 10.21 28.53 10.23
C PRO B 6 10.60 28.87 11.67
N VAL B 7 9.99 29.88 12.30
CA VAL B 7 10.34 30.21 13.70
C VAL B 7 9.13 30.09 14.65
N PRO B 8 8.99 28.93 15.30
CA PRO B 8 7.80 28.71 16.12
C PRO B 8 7.78 29.48 17.42
N GLY B 9 6.60 29.97 17.77
CA GLY B 9 6.37 30.66 19.04
C GLY B 9 5.67 29.67 19.96
N ASN B 10 4.75 30.15 20.77
CA ASN B 10 4.04 29.26 21.66
C ASN B 10 3.10 28.32 20.97
N VAL B 11 2.72 27.30 21.70
CA VAL B 11 1.81 26.31 21.20
C VAL B 11 0.37 26.84 21.17
N ILE B 12 -0.31 26.58 20.08
CA ILE B 12 -1.68 27.01 19.84
C ILE B 12 -2.63 25.86 19.78
N GLY B 13 -2.16 24.71 19.30
CA GLY B 13 -2.99 23.52 19.20
C GLY B 13 -2.15 22.29 18.99
N LYS B 14 -2.80 21.14 19.18
CA LYS B 14 -2.20 19.84 19.13
C LYS B 14 -3.14 18.80 18.53
N GLY B 15 -2.57 17.86 17.81
CA GLY B 15 -3.32 16.78 17.25
C GLY B 15 -2.44 15.56 17.24
N GLY B 16 -3.02 14.46 16.79
CA GLY B 16 -2.30 13.20 16.68
C GLY B 16 -1.11 13.21 15.75
N ASN B 17 -1.07 14.15 14.80
CA ASN B 17 0.01 14.18 13.82
C ASN B 17 0.86 15.47 13.74
N ALA B 18 0.50 16.48 14.52
CA ALA B 18 1.20 17.74 14.46
C ALA B 18 0.95 18.60 15.66
N VAL B 19 1.81 19.59 15.82
CA VAL B 19 1.64 20.57 16.84
C VAL B 19 1.64 21.90 16.11
N VAL B 20 0.67 22.73 16.44
CA VAL B 20 0.54 24.05 15.82
C VAL B 20 1.12 25.13 16.72
N TYR B 21 2.11 25.86 16.20
CA TYR B 21 2.74 26.94 16.91
C TYR B 21 2.42 28.26 16.25
N GLU B 22 2.59 29.35 17.00
CA GLU B 22 2.52 30.67 16.40
C GLU B 22 3.70 30.80 15.48
N ASP B 23 3.60 31.66 14.49
CA ASP B 23 4.75 31.98 13.64
C ASP B 23 5.27 33.28 14.20
N MET B 24 6.44 33.25 14.85
CA MET B 24 7.01 34.46 15.44
C MET B 24 7.41 35.51 14.40
N GLU B 25 7.64 35.08 13.16
CA GLU B 25 7.98 35.99 12.08
C GLU B 25 6.74 36.69 11.51
N ASP B 26 5.56 36.12 11.72
CA ASP B 26 4.34 36.71 11.17
C ASP B 26 3.13 36.44 12.07
N THR B 27 2.65 37.48 12.71
CA THR B 27 1.52 37.35 13.62
C THR B 27 0.22 36.83 13.01
N THR B 28 0.06 36.97 11.69
CA THR B 28 -1.15 36.48 11.01
C THR B 28 -1.05 35.02 10.55
N LYS B 29 -0.01 34.31 10.96
CA LYS B 29 0.19 32.96 10.50
C LYS B 29 0.49 32.04 11.66
N VAL B 30 0.38 30.74 11.40
CA VAL B 30 0.68 29.70 12.37
C VAL B 30 1.49 28.60 11.65
N LEU B 31 2.22 27.79 12.40
CA LEU B 31 3.04 26.77 11.86
C LEU B 31 2.55 25.40 12.35
N LYS B 32 2.02 24.61 11.43
CA LYS B 32 1.55 23.31 11.76
C LYS B 32 2.71 22.40 11.51
N MET B 33 3.42 21.99 12.55
CA MET B 33 4.59 21.14 12.38
C MET B 33 4.25 19.69 12.60
N PHE B 34 4.42 18.86 11.60
CA PHE B 34 4.11 17.43 11.72
C PHE B 34 5.09 16.71 12.63
N THR B 35 4.58 15.81 13.46
CA THR B 35 5.40 15.07 14.38
C THR B 35 5.88 13.78 13.79
N ILE B 36 5.32 13.40 12.65
CA ILE B 36 5.75 12.20 11.93
C ILE B 36 5.41 12.43 10.47
N SER B 37 6.10 11.75 9.60
CA SER B 37 5.95 11.95 8.18
C SER B 37 4.54 11.67 7.66
N GLN B 38 4.03 12.56 6.82
CA GLN B 38 2.69 12.44 6.25
C GLN B 38 2.71 12.07 4.80
N SER B 39 1.61 11.52 4.33
CA SER B 39 1.51 11.16 2.94
C SER B 39 1.39 12.41 2.10
N HIS B 40 1.84 12.31 0.88
CA HIS B 40 1.76 13.40 -0.05
C HIS B 40 0.28 13.84 -0.27
N GLU B 41 -0.60 12.86 -0.43
CA GLU B 41 -2.01 13.12 -0.69
C GLU B 41 -2.61 13.88 0.45
N GLU B 42 -2.28 13.51 1.67
CA GLU B 42 -2.89 14.13 2.81
C GLU B 42 -2.36 15.54 3.00
N VAL B 43 -1.06 15.73 2.85
CA VAL B 43 -0.54 17.07 3.00
C VAL B 43 -1.03 17.97 1.85
N THR B 44 -1.11 17.44 0.65
CA THR B 44 -1.59 18.22 -0.46
C THR B 44 -3.05 18.59 -0.28
N SER B 45 -3.86 17.65 0.14
CA SER B 45 -5.28 17.93 0.34
C SER B 45 -5.49 18.96 1.45
N GLU B 46 -4.66 18.94 2.46
CA GLU B 46 -4.87 19.85 3.57
C GLU B 46 -4.64 21.27 3.13
N VAL B 47 -3.57 21.47 2.37
CA VAL B 47 -3.25 22.75 1.84
C VAL B 47 -4.33 23.20 0.83
N ARG B 48 -4.68 22.33 -0.11
CA ARG B 48 -5.69 22.61 -1.12
C ARG B 48 -7.01 23.06 -0.48
N CYS B 49 -7.56 22.23 0.42
CA CYS B 49 -8.80 22.58 1.11
C CYS B 49 -8.71 23.92 1.88
N PHE B 50 -7.58 24.19 2.51
CA PHE B 50 -7.47 25.39 3.28
C PHE B 50 -7.48 26.57 2.33
N ASN B 51 -6.69 26.50 1.25
CA ASN B 51 -6.65 27.60 0.29
C ASN B 51 -7.97 27.76 -0.40
N GLN B 52 -8.66 26.64 -0.67
CA GLN B 52 -9.94 26.70 -1.32
C GLN B 52 -10.96 27.38 -0.44
N TYR B 53 -10.88 27.22 0.87
CA TYR B 53 -11.88 27.85 1.71
C TYR B 53 -11.49 29.26 2.03
N TYR B 54 -10.29 29.47 2.51
CA TYR B 54 -9.88 30.77 2.96
C TYR B 54 -9.28 31.66 1.89
N GLY B 55 -8.98 31.13 0.72
CA GLY B 55 -8.39 31.92 -0.38
C GLY B 55 -6.98 31.51 -0.72
N SER B 56 -6.61 31.70 -1.99
CA SER B 56 -5.29 31.29 -2.45
C SER B 56 -4.27 32.02 -1.59
N GLY B 57 -3.15 31.36 -1.28
CA GLY B 57 -2.14 31.95 -0.40
C GLY B 57 -2.42 31.78 1.10
N SER B 58 -3.52 31.16 1.52
CA SER B 58 -3.79 30.96 2.95
C SER B 58 -2.94 29.82 3.58
N ALA B 59 -2.31 28.96 2.77
CA ALA B 59 -1.54 27.84 3.32
C ALA B 59 -0.52 27.40 2.35
N GLU B 60 0.70 27.20 2.82
CA GLU B 60 1.78 26.76 1.97
C GLU B 60 2.56 25.73 2.74
N LYS B 61 3.24 24.84 2.02
CA LYS B 61 4.00 23.79 2.65
C LYS B 61 5.28 24.40 3.14
N ILE B 62 5.83 23.78 4.16
CA ILE B 62 7.12 24.19 4.72
C ILE B 62 8.04 23.04 4.47
N TYR B 63 9.20 23.35 3.88
CA TYR B 63 10.17 22.33 3.53
C TYR B 63 11.43 22.44 4.33
N ASN B 64 12.16 21.34 4.40
CA ASN B 64 13.49 21.35 5.00
C ASN B 64 14.50 21.45 3.86
N ASP B 65 15.79 21.46 4.18
CA ASP B 65 16.81 21.55 3.14
C ASP B 65 16.84 20.35 2.21
N ASN B 66 16.38 19.18 2.67
CA ASN B 66 16.25 17.99 1.81
C ASN B 66 15.05 18.04 0.87
N GLY B 67 14.26 19.12 0.90
CA GLY B 67 13.09 19.23 0.06
C GLY B 67 11.91 18.40 0.52
N ASN B 68 11.93 17.92 1.77
CA ASN B 68 10.76 17.18 2.30
C ASN B 68 9.87 18.14 3.07
N VAL B 69 8.58 17.81 3.12
CA VAL B 69 7.62 18.63 3.82
C VAL B 69 7.68 18.33 5.32
N ILE B 70 7.91 19.37 6.11
CA ILE B 70 7.91 19.25 7.59
C ILE B 70 6.72 19.91 8.31
N GLY B 71 5.90 20.67 7.57
CA GLY B 71 4.74 21.36 8.14
C GLY B 71 4.04 22.25 7.14
N ILE B 72 3.07 23.05 7.64
CA ILE B 72 2.30 23.96 6.81
C ILE B 72 2.20 25.30 7.50
N ARG B 73 2.43 26.38 6.75
CA ARG B 73 2.29 27.72 7.29
C ARG B 73 0.95 28.18 6.80
N MET B 74 0.07 28.53 7.72
CA MET B 74 -1.27 28.96 7.35
C MET B 74 -1.78 30.10 8.18
N ASN B 75 -2.77 30.78 7.64
CA ASN B 75 -3.41 31.89 8.30
C ASN B 75 -3.86 31.53 9.67
N LYS B 76 -3.63 32.44 10.63
CA LYS B 76 -4.15 32.30 11.95
C LYS B 76 -5.61 32.67 11.78
N ILE B 77 -6.50 31.78 12.14
CA ILE B 77 -7.95 31.99 11.95
C ILE B 77 -8.59 32.76 13.09
N ASN B 78 -9.49 33.69 12.76
CA ASN B 78 -10.21 34.45 13.79
C ASN B 78 -11.33 33.69 14.47
N GLY B 79 -11.55 33.99 15.74
CA GLY B 79 -12.61 33.36 16.51
C GLY B 79 -12.16 32.67 17.76
N GLU B 80 -13.12 32.33 18.61
N GLU B 80 -13.13 32.32 18.59
CA GLU B 80 -12.86 31.59 19.84
CA GLU B 80 -12.90 31.63 19.83
C GLU B 80 -13.47 30.20 19.64
C GLU B 80 -13.48 30.21 19.65
N SER B 81 -12.90 29.20 20.29
CA SER B 81 -13.41 27.80 20.17
C SER B 81 -14.87 27.65 20.57
N LEU B 82 -15.67 27.06 19.72
CA LEU B 82 -17.09 26.87 20.00
C LEU B 82 -17.35 26.04 21.25
N LEU B 83 -16.39 25.19 21.61
CA LEU B 83 -16.44 24.45 22.87
C LEU B 83 -16.66 25.34 24.08
N ASP B 84 -15.94 26.46 24.11
CA ASP B 84 -15.93 27.36 25.23
C ASP B 84 -17.01 28.43 25.19
N ILE B 85 -17.92 28.37 24.22
CA ILE B 85 -18.96 29.36 24.08
C ILE B 85 -20.26 28.68 24.40
N PRO B 86 -20.72 28.84 25.63
CA PRO B 86 -21.97 28.18 26.01
C PRO B 86 -23.22 28.75 25.34
N SER B 87 -23.17 30.00 24.95
CA SER B 87 -24.35 30.67 24.40
C SER B 87 -24.06 31.48 23.14
N LEU B 88 -24.96 31.37 22.17
CA LEU B 88 -24.84 32.03 20.88
C LEU B 88 -26.06 32.86 20.54
N PRO B 89 -25.85 33.98 19.83
CA PRO B 89 -26.95 34.80 19.41
C PRO B 89 -27.72 34.09 18.28
N ALA B 90 -28.93 34.56 18.03
CA ALA B 90 -29.82 33.93 17.05
C ALA B 90 -29.23 33.94 15.65
N GLN B 91 -28.56 35.04 15.29
CA GLN B 91 -28.04 35.19 13.94
C GLN B 91 -26.92 34.19 13.58
N ALA B 92 -26.46 33.45 14.56
CA ALA B 92 -25.45 32.46 14.36
C ALA B 92 -25.99 31.26 13.57
N GLU B 93 -27.32 31.03 13.63
CA GLU B 93 -27.91 29.93 12.87
C GLU B 93 -27.55 30.09 11.41
N GLN B 94 -27.80 31.28 10.87
CA GLN B 94 -27.48 31.52 9.49
C GLN B 94 -26.02 31.35 9.22
N ALA B 95 -25.19 31.81 10.15
CA ALA B 95 -23.74 31.75 10.02
C ALA B 95 -23.20 30.32 9.84
N ILE B 96 -23.76 29.35 10.55
CA ILE B 96 -23.34 28.00 10.42
C ILE B 96 -23.78 27.45 9.06
N TYR B 97 -24.98 27.78 8.63
CA TYR B 97 -25.42 27.31 7.33
C TYR B 97 -24.50 27.90 6.29
N ASP B 98 -24.11 29.15 6.50
CA ASP B 98 -23.24 29.83 5.53
C ASP B 98 -21.95 29.08 5.37
N MET B 99 -21.40 28.61 6.50
CA MET B 99 -20.15 27.90 6.48
C MET B 99 -20.25 26.66 5.60
N PHE B 100 -21.28 25.83 5.84
CA PHE B 100 -21.48 24.66 5.02
C PHE B 100 -21.73 24.99 3.55
N ASP B 101 -22.53 26.01 3.27
CA ASP B 101 -22.76 26.44 1.89
C ASP B 101 -21.44 26.70 1.16
N ARG B 102 -20.56 27.44 1.84
N ARG B 102 -20.57 27.44 1.84
CA ARG B 102 -19.27 27.81 1.27
CA ARG B 102 -19.29 27.86 1.31
C ARG B 102 -18.42 26.59 1.03
C ARG B 102 -18.40 26.62 1.07
N LEU B 103 -18.40 25.67 1.99
CA LEU B 103 -17.61 24.47 1.84
C LEU B 103 -18.17 23.63 0.66
N GLU B 104 -19.49 23.52 0.62
CA GLU B 104 -20.10 22.71 -0.44
C GLU B 104 -19.89 23.25 -1.85
N LYS B 105 -19.87 24.57 -2.01
CA LYS B 105 -19.64 25.17 -3.33
C LYS B 105 -18.28 24.82 -3.80
N LYS B 106 -17.32 24.79 -2.88
CA LYS B 106 -15.97 24.47 -3.26
C LYS B 106 -15.80 22.96 -3.53
N GLY B 107 -16.85 22.17 -3.31
CA GLY B 107 -16.82 20.71 -3.47
C GLY B 107 -16.20 19.94 -2.28
N ILE B 108 -16.08 20.61 -1.14
CA ILE B 108 -15.50 20.02 0.04
C ILE B 108 -16.63 19.47 0.82
N LEU B 109 -16.48 18.23 1.26
CA LEU B 109 -17.43 17.54 2.11
C LEU B 109 -16.74 17.45 3.46
N PHE B 110 -16.96 18.49 4.25
CA PHE B 110 -16.28 18.68 5.52
C PHE B 110 -16.45 17.47 6.41
N VAL B 111 -15.34 16.93 6.87
CA VAL B 111 -15.33 15.69 7.64
C VAL B 111 -15.43 15.88 9.12
N ASP B 112 -14.46 16.59 9.67
CA ASP B 112 -14.45 16.82 11.10
C ASP B 112 -15.38 17.96 11.56
N THR B 113 -16.63 17.59 11.76
CA THR B 113 -17.66 18.52 12.18
C THR B 113 -17.79 18.65 13.70
N THR B 114 -16.80 18.25 14.48
CA THR B 114 -16.95 18.31 15.95
C THR B 114 -16.77 19.77 16.35
N GLU B 115 -17.40 20.18 17.46
CA GLU B 115 -17.29 21.54 17.96
C GLU B 115 -15.86 22.07 18.13
N THR B 116 -14.96 21.16 18.46
CA THR B 116 -13.58 21.45 18.69
C THR B 116 -12.92 21.96 17.46
N ASN B 117 -13.48 21.64 16.32
CA ASN B 117 -12.81 21.93 15.09
C ASN B 117 -13.33 23.13 14.40
N VAL B 118 -14.03 23.94 15.15
CA VAL B 118 -14.60 25.15 14.59
C VAL B 118 -14.43 26.33 15.55
N LEU B 119 -14.16 27.50 14.99
CA LEU B 119 -14.11 28.72 15.78
C LEU B 119 -15.32 29.58 15.40
N TYR B 120 -15.83 30.36 16.35
CA TYR B 120 -16.90 31.30 16.09
C TYR B 120 -16.38 32.70 16.38
N ASP B 121 -16.49 33.55 15.38
CA ASP B 121 -16.06 34.91 15.48
C ASP B 121 -17.35 35.64 15.77
N ARG B 122 -17.61 35.89 17.04
CA ARG B 122 -18.81 36.65 17.42
C ARG B 122 -18.92 38.07 16.88
N MET B 123 -17.75 38.71 16.66
CA MET B 123 -17.74 40.07 16.14
C MET B 123 -18.25 40.09 14.69
N ARG B 124 -17.89 39.11 13.87
CA ARG B 124 -18.33 39.08 12.47
C ARG B 124 -19.45 38.12 12.23
N ASN B 125 -19.91 37.47 13.29
CA ASN B 125 -20.90 36.40 13.19
C ASN B 125 -20.51 35.40 12.09
N GLU B 126 -19.37 34.74 12.27
CA GLU B 126 -18.93 33.75 11.29
C GLU B 126 -18.39 32.54 11.96
N PHE B 127 -18.55 31.38 11.31
CA PHE B 127 -17.96 30.13 11.78
C PHE B 127 -16.83 29.78 10.84
N ASN B 128 -15.68 29.55 11.43
CA ASN B 128 -14.47 29.26 10.71
C ASN B 128 -13.93 27.87 11.06
N PRO B 129 -13.90 26.97 10.09
CA PRO B 129 -13.36 25.65 10.36
C PRO B 129 -11.83 25.72 10.42
N ILE B 130 -11.27 24.92 11.33
CA ILE B 130 -9.87 24.84 11.55
C ILE B 130 -9.21 23.79 10.67
N ASP B 131 -9.43 22.52 10.93
CA ASP B 131 -8.78 21.47 10.16
C ASP B 131 -9.74 21.02 9.09
N ILE B 132 -9.52 21.47 7.86
CA ILE B 132 -10.43 21.17 6.77
C ILE B 132 -9.94 20.02 5.94
N SER B 133 -10.77 19.01 5.83
CA SER B 133 -10.48 17.86 5.04
C SER B 133 -11.81 17.41 4.48
N SER B 134 -11.75 16.62 3.41
CA SER B 134 -12.94 16.22 2.73
C SER B 134 -13.04 14.74 2.60
N TYR B 135 -14.27 14.25 2.56
CA TYR B 135 -14.49 12.84 2.28
C TYR B 135 -14.03 12.67 0.85
N ASN B 136 -13.58 11.48 0.48
CA ASN B 136 -13.10 11.15 -0.86
C ASN B 136 -13.58 9.81 -1.33
N VAL B 137 -14.31 9.76 -2.43
CA VAL B 137 -14.82 8.50 -2.94
C VAL B 137 -13.75 7.72 -3.72
N SER B 138 -13.60 6.45 -3.38
CA SER B 138 -12.67 5.52 -4.05
C SER B 138 -13.38 4.19 -4.26
N ASP B 139 -13.23 3.64 -5.47
CA ASP B 139 -13.83 2.31 -5.74
C ASP B 139 -13.42 1.22 -4.71
N ILE B 140 -12.39 1.57 -3.93
CA ILE B 140 -11.73 0.70 -2.97
C ILE B 140 -12.00 0.93 -1.47
N SER B 141 -12.37 2.15 -1.09
CA SER B 141 -12.68 2.43 0.30
C SER B 141 -14.07 3.03 0.45
N TRP B 142 -14.23 4.30 0.08
CA TRP B 142 -15.50 5.00 0.26
C TRP B 142 -16.40 5.11 -0.99
N SER B 143 -17.64 4.63 -0.89
CA SER B 143 -18.65 4.80 -1.96
C SER B 143 -19.39 6.14 -1.78
N GLU B 144 -20.09 6.57 -2.81
CA GLU B 144 -20.89 7.80 -2.72
C GLU B 144 -21.86 7.74 -1.59
N HIS B 145 -22.57 6.63 -1.50
CA HIS B 145 -23.57 6.45 -0.48
C HIS B 145 -22.96 6.59 0.92
N GLN B 146 -21.92 5.83 1.19
CA GLN B 146 -21.18 5.90 2.47
C GLN B 146 -20.80 7.34 2.79
N VAL B 147 -20.23 7.99 1.80
CA VAL B 147 -19.80 9.37 1.95
C VAL B 147 -20.96 10.33 2.22
N MET B 148 -21.99 10.32 1.41
CA MET B 148 -23.10 11.24 1.66
C MET B 148 -23.77 10.99 3.00
N GLN B 149 -23.88 9.73 3.37
CA GLN B 149 -24.48 9.40 4.64
C GLN B 149 -23.69 9.99 5.81
N SER B 150 -22.37 9.80 5.80
CA SER B 150 -21.52 10.33 6.87
C SER B 150 -21.40 11.80 6.80
N TYR B 151 -21.40 12.36 5.60
CA TYR B 151 -21.24 13.80 5.48
C TYR B 151 -22.47 14.48 6.09
N HIS B 152 -23.64 14.02 5.65
CA HIS B 152 -24.93 14.55 6.12
C HIS B 152 -25.12 14.43 7.65
N GLY B 153 -24.70 13.31 8.19
CA GLY B 153 -24.78 13.09 9.62
C GLY B 153 -23.94 14.10 10.39
N GLY B 154 -22.76 14.38 9.88
CA GLY B 154 -21.88 15.31 10.58
C GLY B 154 -22.35 16.77 10.51
N LYS B 155 -22.96 17.08 9.41
CA LYS B 155 -23.40 18.40 9.19
C LYS B 155 -24.55 18.67 10.08
N LEU B 156 -25.51 17.76 10.08
CA LEU B 156 -26.70 17.97 10.96
C LEU B 156 -26.27 18.01 12.41
N ASP B 157 -25.27 17.20 12.73
CA ASP B 157 -24.81 17.17 14.08
C ASP B 157 -24.27 18.51 14.52
N LEU B 158 -23.39 19.10 13.71
CA LEU B 158 -22.78 20.35 14.08
C LEU B 158 -23.84 21.43 14.11
N ILE B 159 -24.76 21.38 13.17
CA ILE B 159 -25.85 22.33 13.14
C ILE B 159 -26.67 22.22 14.44
N SER B 160 -27.01 20.98 14.83
CA SER B 160 -27.81 20.81 16.02
C SER B 160 -27.06 21.35 17.25
N VAL B 161 -25.74 21.19 17.27
CA VAL B 161 -24.93 21.74 18.34
C VAL B 161 -25.08 23.25 18.39
N VAL B 162 -24.98 23.88 17.21
CA VAL B 162 -25.14 25.32 17.12
C VAL B 162 -26.52 25.72 17.58
N LEU B 163 -27.55 25.05 17.09
CA LEU B 163 -28.95 25.37 17.51
C LEU B 163 -29.17 25.21 19.01
N SER B 164 -28.46 24.29 19.62
CA SER B 164 -28.59 24.09 21.06
C SER B 164 -28.03 25.23 21.88
N LYS B 165 -27.10 25.99 21.30
CA LYS B 165 -26.48 27.07 22.06
C LYS B 165 -27.22 28.38 21.91
N ILE B 166 -28.29 28.39 21.11
CA ILE B 166 -29.06 29.61 20.90
C ILE B 166 -30.26 29.65 21.88
N LYS C 4 8.22 -9.13 13.11
CA LYS C 4 8.11 -8.37 11.82
C LYS C 4 8.59 -9.20 10.62
N SER C 5 9.73 -9.84 10.78
CA SER C 5 10.26 -10.61 9.67
C SER C 5 9.43 -11.80 9.20
N PRO C 6 9.47 -12.04 7.89
CA PRO C 6 8.86 -13.21 7.29
C PRO C 6 9.84 -14.36 7.49
N VAL C 7 9.36 -15.60 7.63
CA VAL C 7 10.26 -16.74 7.84
C VAL C 7 10.13 -17.77 6.72
N PRO C 8 10.99 -17.67 5.69
CA PRO C 8 10.88 -18.59 4.55
C PRO C 8 11.29 -20.00 4.83
N GLY C 9 10.54 -20.94 4.25
CA GLY C 9 10.86 -22.35 4.35
C GLY C 9 11.47 -22.75 3.02
N ASN C 10 11.15 -23.96 2.56
CA ASN C 10 11.69 -24.42 1.28
C ASN C 10 11.03 -23.73 0.07
N VAL C 11 11.74 -23.80 -1.05
CA VAL C 11 11.35 -23.15 -2.27
C VAL C 11 10.17 -23.87 -2.86
N ILE C 12 9.19 -23.08 -3.30
CA ILE C 12 7.98 -23.58 -3.94
C ILE C 12 7.89 -23.19 -5.42
N GLY C 13 8.43 -22.04 -5.78
CA GLY C 13 8.38 -21.59 -7.15
C GLY C 13 9.35 -20.47 -7.40
N LYS C 14 9.57 -20.21 -8.68
CA LYS C 14 10.55 -19.26 -9.14
C LYS C 14 9.95 -18.46 -10.28
N GLY C 15 10.24 -17.18 -10.36
CA GLY C 15 9.73 -16.33 -11.41
C GLY C 15 10.71 -15.24 -11.77
N GLY C 16 10.32 -14.44 -12.75
CA GLY C 16 11.14 -13.38 -13.25
C GLY C 16 11.51 -12.28 -12.28
N ASN C 17 10.76 -12.13 -11.19
CA ASN C 17 11.14 -11.10 -10.23
C ASN C 17 11.14 -11.55 -8.78
N ALA C 18 10.96 -12.84 -8.54
CA ALA C 18 10.88 -13.31 -7.16
C ALA C 18 11.06 -14.79 -7.02
N VAL C 19 11.28 -15.18 -5.77
CA VAL C 19 11.29 -16.60 -5.46
C VAL C 19 10.22 -16.77 -4.42
N VAL C 20 9.42 -17.80 -4.60
CA VAL C 20 8.37 -18.11 -3.68
C VAL C 20 8.78 -19.22 -2.70
N TYR C 21 8.76 -18.91 -1.41
CA TYR C 21 9.04 -19.88 -0.38
C TYR C 21 7.80 -20.25 0.41
N GLU C 22 7.84 -21.36 1.13
CA GLU C 22 6.81 -21.63 2.14
C GLU C 22 6.93 -20.60 3.26
N ASP C 23 5.84 -20.33 3.97
CA ASP C 23 5.88 -19.47 5.15
C ASP C 23 5.92 -20.46 6.31
N MET C 24 7.06 -20.55 6.97
CA MET C 24 7.20 -21.48 8.09
C MET C 24 6.31 -21.11 9.27
N GLU C 25 5.88 -19.86 9.35
CA GLU C 25 4.98 -19.43 10.41
C GLU C 25 3.52 -19.79 10.13
N ASP C 26 3.19 -20.04 8.87
CA ASP C 26 1.81 -20.35 8.49
C ASP C 26 1.77 -21.27 7.27
N THR C 27 1.38 -22.52 7.51
CA THR C 27 1.30 -23.52 6.45
C THR C 27 0.36 -23.17 5.31
N THR C 28 -0.63 -22.32 5.55
CA THR C 28 -1.58 -21.93 4.50
C THR C 28 -1.11 -20.74 3.66
N LYS C 29 0.14 -20.32 3.84
CA LYS C 29 0.65 -19.13 3.15
C LYS C 29 1.98 -19.40 2.51
N VAL C 30 2.39 -18.51 1.62
CA VAL C 30 3.66 -18.59 0.95
C VAL C 30 4.24 -17.19 0.93
N LEU C 31 5.55 -17.09 0.74
CA LEU C 31 6.21 -15.81 0.73
C LEU C 31 6.84 -15.59 -0.61
N LYS C 32 6.33 -14.61 -1.34
CA LYS C 32 6.90 -14.30 -2.66
C LYS C 32 7.92 -13.20 -2.42
N MET C 33 9.20 -13.56 -2.38
CA MET C 33 10.22 -12.58 -2.07
C MET C 33 10.86 -12.04 -3.31
N PHE C 34 10.75 -10.75 -3.53
CA PHE C 34 11.30 -10.13 -4.74
C PHE C 34 12.81 -10.16 -4.72
N THR C 35 13.39 -10.45 -5.89
CA THR C 35 14.83 -10.52 -6.04
C THR C 35 15.42 -9.17 -6.33
N ILE C 36 14.56 -8.21 -6.67
CA ILE C 36 15.00 -6.85 -6.88
C ILE C 36 13.78 -5.97 -6.65
N SER C 37 14.03 -4.71 -6.30
CA SER C 37 12.94 -3.81 -5.98
C SER C 37 11.94 -3.59 -7.12
N GLN C 38 10.65 -3.67 -6.81
CA GLN C 38 9.58 -3.50 -7.79
C GLN C 38 8.83 -2.17 -7.68
N SER C 39 8.18 -1.76 -8.76
CA SER C 39 7.40 -0.55 -8.77
C SER C 39 6.12 -0.72 -7.96
N HIS C 40 5.59 0.39 -7.49
CA HIS C 40 4.35 0.40 -6.72
C HIS C 40 3.20 -0.17 -7.55
N GLU C 41 3.12 0.21 -8.82
CA GLU C 41 2.05 -0.26 -9.68
C GLU C 41 2.11 -1.77 -9.85
N GLU C 42 3.30 -2.30 -10.03
CA GLU C 42 3.45 -3.69 -10.25
C GLU C 42 3.11 -4.48 -9.00
N VAL C 43 3.60 -4.02 -7.87
CA VAL C 43 3.33 -4.75 -6.66
C VAL C 43 1.85 -4.62 -6.30
N THR C 44 1.27 -3.46 -6.54
CA THR C 44 -0.12 -3.27 -6.22
C THR C 44 -0.97 -4.21 -7.10
N SER C 45 -0.60 -4.30 -8.38
CA SER C 45 -1.28 -5.16 -9.34
C SER C 45 -1.26 -6.65 -9.01
N GLU C 46 -0.16 -7.08 -8.45
CA GLU C 46 -0.01 -8.48 -8.05
C GLU C 46 -0.95 -8.81 -6.89
N VAL C 47 -1.00 -7.90 -5.91
CA VAL C 47 -1.86 -8.06 -4.75
C VAL C 47 -3.36 -7.93 -5.10
N ARG C 48 -3.70 -6.89 -5.85
N ARG C 48 -3.69 -6.89 -5.85
CA ARG C 48 -5.08 -6.60 -6.29
CA ARG C 48 -5.06 -6.59 -6.27
C ARG C 48 -5.66 -7.80 -7.00
C ARG C 48 -5.66 -7.79 -7.00
N CYS C 49 -4.99 -8.25 -8.06
CA CYS C 49 -5.48 -9.37 -8.83
C CYS C 49 -5.63 -10.62 -7.98
N PHE C 50 -4.70 -10.80 -7.07
CA PHE C 50 -4.70 -11.99 -6.28
C PHE C 50 -5.88 -12.00 -5.32
N ASN C 51 -6.08 -10.87 -4.64
CA ASN C 51 -7.21 -10.74 -3.76
C ASN C 51 -8.51 -10.80 -4.51
N GLN C 52 -8.55 -10.22 -5.71
CA GLN C 52 -9.77 -10.26 -6.51
C GLN C 52 -10.14 -11.67 -6.94
N TYR C 53 -9.18 -12.51 -7.22
CA TYR C 53 -9.53 -13.85 -7.67
C TYR C 53 -9.75 -14.76 -6.47
N TYR C 54 -8.82 -14.77 -5.53
CA TYR C 54 -8.90 -15.69 -4.41
C TYR C 54 -9.67 -15.19 -3.18
N GLY C 55 -10.02 -13.90 -3.14
CA GLY C 55 -10.77 -13.31 -2.01
C GLY C 55 -9.97 -12.28 -1.21
N SER C 56 -10.66 -11.32 -0.63
CA SER C 56 -9.97 -10.30 0.17
C SER C 56 -9.17 -11.01 1.23
N GLY C 57 -8.01 -10.45 1.58
CA GLY C 57 -7.12 -11.09 2.57
C GLY C 57 -6.22 -12.20 1.99
N SER C 58 -6.32 -12.55 0.70
CA SER C 58 -5.49 -13.60 0.16
C SER C 58 -4.05 -13.18 -0.10
N ALA C 59 -3.77 -11.88 -0.09
CA ALA C 59 -2.40 -11.41 -0.34
C ALA C 59 -2.18 -10.06 0.33
N GLU C 60 -1.06 -9.91 1.02
CA GLU C 60 -0.70 -8.65 1.67
C GLU C 60 0.77 -8.38 1.45
N LYS C 61 1.15 -7.12 1.48
CA LYS C 61 2.53 -6.74 1.22
C LYS C 61 3.37 -7.00 2.45
N ILE C 62 4.64 -7.26 2.23
CA ILE C 62 5.60 -7.49 3.30
C ILE C 62 6.56 -6.35 3.21
N TYR C 63 6.78 -5.67 4.34
CA TYR C 63 7.66 -4.53 4.40
C TYR C 63 8.89 -4.82 5.23
N ASN C 64 9.94 -4.05 4.99
CA ASN C 64 11.12 -4.08 5.85
C ASN C 64 11.01 -2.88 6.82
N ASP C 65 12.00 -2.68 7.66
CA ASP C 65 11.98 -1.53 8.57
C ASP C 65 12.09 -0.17 7.86
N ASN C 66 12.68 -0.14 6.68
CA ASN C 66 12.73 1.09 5.88
C ASN C 66 11.39 1.44 5.21
N GLY C 67 10.37 0.62 5.43
CA GLY C 67 9.08 0.87 4.78
C GLY C 67 9.06 0.53 3.29
N ASN C 68 10.02 -0.25 2.82
CA ASN C 68 10.06 -0.70 1.42
C ASN C 68 9.42 -2.08 1.34
N VAL C 69 8.70 -2.35 0.25
CA VAL C 69 8.05 -3.64 0.06
C VAL C 69 9.12 -4.61 -0.42
N ILE C 70 9.27 -5.71 0.29
CA ILE C 70 10.24 -6.75 -0.06
C ILE C 70 9.62 -8.04 -0.58
N GLY C 71 8.30 -8.15 -0.51
CA GLY C 71 7.61 -9.36 -0.97
C GLY C 71 6.14 -9.33 -0.65
N ILE C 72 5.47 -10.45 -0.90
CA ILE C 72 4.03 -10.55 -0.67
C ILE C 72 3.74 -11.86 0.03
N ARG C 73 2.90 -11.80 1.03
CA ARG C 73 2.49 -13.03 1.72
C ARG C 73 1.14 -13.37 1.14
N MET C 74 1.01 -14.56 0.57
CA MET C 74 -0.24 -14.97 -0.05
C MET C 74 -0.62 -16.40 0.21
N ASN C 75 -1.90 -16.68 0.06
CA ASN C 75 -2.43 -18.02 0.21
C ASN C 75 -1.71 -19.03 -0.61
N LYS C 76 -1.44 -20.18 0.00
CA LYS C 76 -0.84 -21.27 -0.72
C LYS C 76 -1.96 -21.78 -1.58
N ILE C 77 -1.73 -21.83 -2.87
CA ILE C 77 -2.72 -22.30 -3.81
C ILE C 77 -2.71 -23.83 -3.95
N ASN C 78 -3.89 -24.42 -3.98
CA ASN C 78 -4.00 -25.82 -4.15
C ASN C 78 -3.77 -26.28 -5.58
N GLY C 79 -3.18 -27.48 -5.72
CA GLY C 79 -2.97 -28.07 -7.03
C GLY C 79 -1.54 -28.44 -7.35
N GLU C 80 -1.37 -29.23 -8.40
CA GLU C 80 -0.06 -29.66 -8.87
C GLU C 80 0.16 -28.98 -10.22
N SER C 81 1.42 -28.69 -10.53
CA SER C 81 1.77 -28.01 -11.77
C SER C 81 1.29 -28.75 -12.97
N LEU C 82 0.58 -28.06 -13.84
CA LEU C 82 0.05 -28.68 -15.05
C LEU C 82 1.15 -29.26 -15.93
N LEU C 83 2.36 -28.73 -15.82
CA LEU C 83 3.53 -29.26 -16.55
C LEU C 83 3.74 -30.71 -16.30
N ASP C 84 3.62 -31.09 -15.04
CA ASP C 84 3.91 -32.44 -14.59
C ASP C 84 2.73 -33.38 -14.66
N ILE C 85 1.61 -32.95 -15.24
CA ILE C 85 0.42 -33.79 -15.35
C ILE C 85 0.26 -34.11 -16.83
N PRO C 86 0.75 -35.28 -17.25
CA PRO C 86 0.65 -35.65 -18.66
C PRO C 86 -0.79 -35.98 -19.12
N SER C 87 -1.65 -36.41 -18.21
CA SER C 87 -3.01 -36.77 -18.55
C SER C 87 -4.10 -36.20 -17.63
N LEU C 88 -5.17 -35.70 -18.23
CA LEU C 88 -6.28 -35.06 -17.52
C LEU C 88 -7.61 -35.71 -17.83
N PRO C 89 -8.51 -35.73 -16.84
CA PRO C 89 -9.82 -36.30 -17.07
C PRO C 89 -10.65 -35.36 -17.96
N ALA C 90 -11.76 -35.88 -18.50
CA ALA C 90 -12.61 -35.13 -19.43
C ALA C 90 -13.24 -33.88 -18.82
N GLN C 91 -13.65 -33.97 -17.54
CA GLN C 91 -14.31 -32.87 -16.85
C GLN C 91 -13.39 -31.67 -16.63
N ALA C 92 -12.11 -31.83 -16.93
CA ALA C 92 -11.17 -30.73 -16.80
C ALA C 92 -11.41 -29.67 -17.88
N GLU C 93 -12.01 -30.07 -19.01
CA GLU C 93 -12.32 -29.10 -20.05
C GLU C 93 -13.17 -27.98 -19.47
N GLN C 94 -14.25 -28.34 -18.79
CA GLN C 94 -15.13 -27.34 -18.21
C GLN C 94 -14.41 -26.52 -17.18
N ALA C 95 -13.55 -27.17 -16.41
CA ALA C 95 -12.79 -26.52 -15.36
C ALA C 95 -11.94 -25.37 -15.85
N ILE C 96 -11.30 -25.55 -17.01
CA ILE C 96 -10.46 -24.49 -17.54
C ILE C 96 -11.34 -23.33 -18.03
N TYR C 97 -12.47 -23.64 -18.67
CA TYR C 97 -13.37 -22.57 -19.10
C TYR C 97 -13.86 -21.83 -17.83
N ASP C 98 -14.06 -22.56 -16.76
CA ASP C 98 -14.54 -21.95 -15.52
C ASP C 98 -13.55 -20.92 -14.99
N MET C 99 -12.27 -21.28 -15.05
CA MET C 99 -11.24 -20.42 -14.55
C MET C 99 -11.30 -19.09 -15.27
N PHE C 100 -11.33 -19.15 -16.60
CA PHE C 100 -11.40 -17.95 -17.39
C PHE C 100 -12.68 -17.16 -17.09
N ASP C 101 -13.81 -17.83 -16.98
CA ASP C 101 -15.05 -17.13 -16.63
C ASP C 101 -14.88 -16.31 -15.36
N ARG C 102 -14.30 -16.93 -14.34
N ARG C 102 -14.30 -16.93 -14.35
CA ARG C 102 -14.12 -16.29 -13.05
CA ARG C 102 -14.10 -16.33 -13.06
C ARG C 102 -13.21 -15.09 -13.15
C ARG C 102 -13.20 -15.11 -13.14
N LEU C 103 -12.12 -15.23 -13.90
CA LEU C 103 -11.19 -14.12 -14.06
C LEU C 103 -11.90 -12.99 -14.78
N GLU C 104 -12.63 -13.34 -15.83
CA GLU C 104 -13.31 -12.33 -16.64
C GLU C 104 -14.35 -11.57 -15.86
N LYS C 105 -15.05 -12.25 -14.97
CA LYS C 105 -16.15 -11.66 -14.18
C LYS C 105 -15.61 -10.69 -13.13
N LYS C 106 -14.35 -10.86 -12.74
CA LYS C 106 -13.64 -9.89 -11.89
C LYS C 106 -12.99 -8.76 -12.65
N GLY C 107 -13.08 -8.81 -13.96
CA GLY C 107 -12.53 -7.76 -14.78
C GLY C 107 -11.03 -7.90 -14.89
N ILE C 108 -10.56 -9.15 -14.84
CA ILE C 108 -9.18 -9.48 -15.16
C ILE C 108 -9.08 -10.17 -16.52
N LEU C 109 -8.19 -9.68 -17.37
CA LEU C 109 -7.87 -10.28 -18.65
C LEU C 109 -6.51 -10.90 -18.41
N PHE C 110 -6.56 -12.19 -18.05
CA PHE C 110 -5.36 -12.99 -17.66
C PHE C 110 -4.34 -13.01 -18.75
N VAL C 111 -3.15 -12.58 -18.38
CA VAL C 111 -2.07 -12.41 -19.33
C VAL C 111 -1.24 -13.66 -19.51
N ASP C 112 -0.64 -14.12 -18.44
CA ASP C 112 0.28 -15.26 -18.51
C ASP C 112 -0.41 -16.60 -18.50
N THR C 113 -0.79 -17.01 -19.69
CA THR C 113 -1.51 -18.23 -19.89
C THR C 113 -0.61 -19.45 -20.16
N THR C 114 0.67 -19.40 -19.83
CA THR C 114 1.54 -20.54 -20.08
C THR C 114 1.23 -21.62 -19.04
N GLU C 115 1.38 -22.89 -19.42
CA GLU C 115 1.04 -24.02 -18.53
C GLU C 115 1.79 -24.05 -17.18
N THR C 116 2.97 -23.43 -17.15
CA THR C 116 3.75 -23.39 -15.91
C THR C 116 3.12 -22.41 -14.95
N ASN C 117 2.24 -21.52 -15.43
CA ASN C 117 1.63 -20.52 -14.56
C ASN C 117 0.25 -20.91 -14.03
N VAL C 118 -0.05 -22.20 -14.10
CA VAL C 118 -1.32 -22.70 -13.59
C VAL C 118 -1.19 -24.02 -12.86
N LEU C 119 -1.98 -24.19 -11.82
CA LEU C 119 -2.01 -25.44 -11.10
C LEU C 119 -3.35 -26.09 -11.34
N TYR C 120 -3.38 -27.42 -11.35
CA TYR C 120 -4.62 -28.17 -11.47
C TYR C 120 -4.86 -28.94 -10.19
N ASP C 121 -6.00 -28.70 -9.57
CA ASP C 121 -6.40 -29.40 -8.37
C ASP C 121 -7.30 -30.52 -8.85
N ARG C 122 -6.72 -31.70 -9.05
CA ARG C 122 -7.46 -32.88 -9.46
C ARG C 122 -8.60 -33.25 -8.52
N MET C 123 -8.40 -33.01 -7.23
CA MET C 123 -9.38 -33.35 -6.25
C MET C 123 -10.66 -32.52 -6.42
N ARG C 124 -10.53 -31.24 -6.68
CA ARG C 124 -11.69 -30.37 -6.84
C ARG C 124 -11.99 -30.02 -8.33
N ASN C 125 -11.23 -30.63 -9.25
CA ASN C 125 -11.35 -30.36 -10.67
C ASN C 125 -11.38 -28.86 -10.91
N GLU C 126 -10.31 -28.17 -10.50
CA GLU C 126 -10.21 -26.72 -10.66
C GLU C 126 -8.85 -26.33 -11.14
N PHE C 127 -8.80 -25.29 -11.96
CA PHE C 127 -7.54 -24.72 -12.38
C PHE C 127 -7.36 -23.41 -11.61
N ASN C 128 -6.19 -23.30 -11.01
CA ASN C 128 -5.82 -22.17 -10.22
C ASN C 128 -4.61 -21.43 -10.79
N PRO C 129 -4.79 -20.16 -11.17
CA PRO C 129 -3.67 -19.36 -11.72
C PRO C 129 -2.78 -18.84 -10.61
N ILE C 130 -1.49 -18.86 -10.88
CA ILE C 130 -0.50 -18.53 -9.92
C ILE C 130 -0.22 -17.02 -9.97
N ASP C 131 0.45 -16.58 -11.01
CA ASP C 131 0.85 -15.18 -11.12
C ASP C 131 -0.18 -14.44 -11.97
N ILE C 132 -1.07 -13.72 -11.29
CA ILE C 132 -2.19 -13.12 -11.99
C ILE C 132 -1.92 -11.67 -12.30
N SER C 133 -2.08 -11.30 -13.56
CA SER C 133 -1.93 -9.97 -14.01
C SER C 133 -2.91 -9.77 -15.13
N SER C 134 -3.26 -8.52 -15.44
CA SER C 134 -4.24 -8.23 -16.47
C SER C 134 -3.81 -7.28 -17.57
N TYR C 135 -4.37 -7.45 -18.76
CA TYR C 135 -4.16 -6.53 -19.83
C TYR C 135 -4.91 -5.33 -19.40
N ASN C 136 -4.50 -4.15 -19.83
CA ASN C 136 -5.22 -2.92 -19.46
C ASN C 136 -5.50 -2.09 -20.70
N VAL C 137 -6.76 -1.98 -21.09
CA VAL C 137 -7.15 -1.15 -22.24
C VAL C 137 -7.11 0.35 -21.90
N SER C 138 -7.27 0.69 -20.63
CA SER C 138 -7.23 2.11 -20.24
C SER C 138 -5.78 2.68 -20.43
N ASP C 139 -4.81 1.77 -20.65
CA ASP C 139 -3.41 2.08 -20.96
C ASP C 139 -3.35 2.50 -22.45
N ILE C 140 -2.72 3.63 -22.73
CA ILE C 140 -2.65 4.18 -24.09
C ILE C 140 -1.65 3.35 -24.90
N SER C 141 -0.70 2.73 -24.21
CA SER C 141 0.22 1.83 -24.89
C SER C 141 -0.61 0.74 -25.59
N TRP C 142 -1.59 0.19 -24.89
CA TRP C 142 -2.41 -0.90 -25.43
C TRP C 142 -3.77 -0.48 -26.05
N SER C 143 -3.99 -0.86 -27.33
CA SER C 143 -5.28 -0.63 -27.99
C SER C 143 -6.25 -1.80 -27.71
N GLU C 144 -7.55 -1.58 -27.91
CA GLU C 144 -8.55 -2.63 -27.69
C GLU C 144 -8.24 -3.86 -28.51
N HIS C 145 -7.95 -3.62 -29.77
CA HIS C 145 -7.67 -4.68 -30.72
C HIS C 145 -6.50 -5.49 -30.24
N GLN C 146 -5.39 -4.83 -30.00
CA GLN C 146 -4.19 -5.48 -29.51
C GLN C 146 -4.48 -6.32 -28.29
N VAL C 147 -5.17 -5.75 -27.31
CA VAL C 147 -5.49 -6.45 -26.10
C VAL C 147 -6.35 -7.65 -26.37
N MET C 148 -7.48 -7.48 -27.06
CA MET C 148 -8.33 -8.63 -27.28
C MET C 148 -7.62 -9.72 -28.10
N GLN C 149 -6.82 -9.32 -29.06
CA GLN C 149 -6.10 -10.26 -29.89
C GLN C 149 -5.14 -11.09 -29.02
N SER C 150 -4.39 -10.42 -28.15
CA SER C 150 -3.43 -11.11 -27.30
C SER C 150 -4.11 -11.89 -26.24
N TYR C 151 -5.22 -11.37 -25.73
CA TYR C 151 -5.91 -12.06 -24.65
C TYR C 151 -6.45 -13.37 -25.20
N HIS C 152 -7.17 -13.27 -26.30
CA HIS C 152 -7.78 -14.46 -26.91
C HIS C 152 -6.78 -15.49 -27.34
N GLY C 153 -5.67 -15.05 -27.92
CA GLY C 153 -4.62 -15.97 -28.34
C GLY C 153 -4.12 -16.76 -27.16
N GLY C 154 -3.94 -16.09 -26.02
CA GLY C 154 -3.44 -16.78 -24.84
C GLY C 154 -4.45 -17.73 -24.23
N LYS C 155 -5.70 -17.34 -24.29
CA LYS C 155 -6.75 -18.12 -23.67
C LYS C 155 -6.94 -19.37 -24.47
N LEU C 156 -7.03 -19.24 -25.78
CA LEU C 156 -7.20 -20.41 -26.64
C LEU C 156 -5.98 -21.30 -26.54
N ASP C 157 -4.81 -20.72 -26.43
CA ASP C 157 -3.60 -21.52 -26.30
C ASP C 157 -3.65 -22.38 -25.07
N LEU C 158 -3.99 -21.79 -23.91
CA LEU C 158 -3.99 -22.55 -22.67
C LEU C 158 -5.08 -23.60 -22.74
N ILE C 159 -6.20 -23.25 -23.35
CA ILE C 159 -7.28 -24.19 -23.49
C ILE C 159 -6.80 -25.36 -24.34
N SER C 160 -6.13 -25.06 -25.44
CA SER C 160 -5.67 -26.11 -26.34
C SER C 160 -4.69 -27.06 -25.65
N VAL C 161 -3.85 -26.50 -24.78
CA VAL C 161 -2.95 -27.30 -23.98
C VAL C 161 -3.75 -28.26 -23.09
N VAL C 162 -4.76 -27.72 -22.42
CA VAL C 162 -5.62 -28.55 -21.57
C VAL C 162 -6.26 -29.63 -22.43
N LEU C 163 -6.85 -29.26 -23.56
CA LEU C 163 -7.51 -30.25 -24.44
C LEU C 163 -6.55 -31.34 -24.92
N SER C 164 -5.27 -31.00 -25.09
CA SER C 164 -4.25 -31.97 -25.55
C SER C 164 -3.99 -33.03 -24.49
N LYS C 165 -4.25 -32.72 -23.23
CA LYS C 165 -3.96 -33.67 -22.17
C LYS C 165 -5.14 -34.56 -21.84
N ILE C 166 -6.26 -34.38 -22.51
CA ILE C 166 -7.44 -35.20 -22.26
C ILE C 166 -7.49 -36.37 -23.24
N LYS D 4 9.09 7.09 -33.79
CA LYS D 4 9.08 6.89 -32.31
C LYS D 4 8.53 5.51 -31.91
N SER D 5 7.41 5.13 -32.51
CA SER D 5 6.76 3.90 -32.13
C SER D 5 7.35 2.52 -32.53
N PRO D 6 7.20 1.54 -31.62
CA PRO D 6 7.57 0.16 -31.88
C PRO D 6 6.43 -0.44 -32.66
N VAL D 7 6.68 -1.40 -33.56
CA VAL D 7 5.58 -2.01 -34.35
C VAL D 7 5.46 -3.50 -34.10
N PRO D 8 4.57 -3.90 -33.19
CA PRO D 8 4.45 -5.30 -32.83
C PRO D 8 3.81 -6.17 -33.87
N GLY D 9 4.34 -7.38 -34.04
CA GLY D 9 3.79 -8.37 -34.94
C GLY D 9 3.03 -9.37 -34.09
N ASN D 10 3.07 -10.64 -34.46
CA ASN D 10 2.36 -11.65 -33.69
C ASN D 10 3.07 -11.96 -32.35
N VAL D 11 2.29 -12.57 -31.46
CA VAL D 11 2.75 -12.85 -30.10
C VAL D 11 3.75 -13.98 -30.15
N ILE D 12 4.81 -13.82 -29.37
CA ILE D 12 5.86 -14.81 -29.26
C ILE D 12 5.92 -15.42 -27.88
N GLY D 13 5.58 -14.64 -26.86
CA GLY D 13 5.63 -15.12 -25.50
C GLY D 13 4.88 -14.22 -24.56
N LYS D 14 4.66 -14.73 -23.35
CA LYS D 14 3.87 -14.09 -22.33
C LYS D 14 4.54 -14.26 -20.98
N GLY D 15 4.49 -13.26 -20.12
CA GLY D 15 5.07 -13.35 -18.82
C GLY D 15 4.30 -12.52 -17.80
N GLY D 16 4.76 -12.55 -16.56
CA GLY D 16 4.09 -11.90 -15.48
C GLY D 16 3.97 -10.39 -15.58
N ASN D 17 4.82 -9.77 -16.38
CA ASN D 17 4.71 -8.35 -16.51
C ASN D 17 4.73 -7.82 -17.94
N ALA D 18 4.65 -8.70 -18.93
CA ALA D 18 4.73 -8.27 -20.30
C ALA D 18 4.30 -9.30 -21.29
N VAL D 19 4.11 -8.82 -22.52
CA VAL D 19 3.82 -9.70 -23.62
C VAL D 19 4.88 -9.41 -24.64
N VAL D 20 5.45 -10.48 -25.19
CA VAL D 20 6.50 -10.35 -26.16
C VAL D 20 5.97 -10.54 -27.57
N TYR D 21 6.14 -9.53 -28.40
CA TYR D 21 5.73 -9.58 -29.81
C TYR D 21 6.93 -9.57 -30.73
N GLU D 22 6.72 -10.00 -31.98
CA GLU D 22 7.76 -9.82 -33.01
C GLU D 22 7.90 -8.34 -33.28
N ASP D 23 9.07 -7.92 -33.74
CA ASP D 23 9.25 -6.53 -34.14
C ASP D 23 9.09 -6.59 -35.65
N MET D 24 7.99 -6.05 -36.17
CA MET D 24 7.76 -6.09 -37.60
C MET D 24 8.77 -5.25 -38.38
N GLU D 25 9.42 -4.29 -37.73
CA GLU D 25 10.44 -3.47 -38.36
C GLU D 25 11.79 -4.17 -38.43
N ASP D 26 12.01 -5.17 -37.59
CA ASP D 26 13.27 -5.87 -37.57
C ASP D 26 13.09 -7.34 -37.18
N THR D 27 13.27 -8.23 -38.16
CA THR D 27 13.11 -9.66 -37.94
C THR D 27 14.04 -10.26 -36.88
N THR D 28 15.18 -9.63 -36.62
CA THR D 28 16.12 -10.13 -35.59
C THR D 28 15.83 -9.61 -34.17
N LYS D 29 14.69 -8.95 -34.00
CA LYS D 29 14.36 -8.37 -32.70
C LYS D 29 12.95 -8.75 -32.26
N VAL D 30 12.67 -8.52 -30.97
CA VAL D 30 11.35 -8.77 -30.39
C VAL D 30 11.03 -7.59 -29.50
N LEU D 31 9.75 -7.38 -29.20
CA LEU D 31 9.33 -6.28 -28.38
C LEU D 31 8.66 -6.82 -27.14
N LYS D 32 9.28 -6.59 -25.99
CA LYS D 32 8.73 -7.03 -24.73
C LYS D 32 7.97 -5.86 -24.21
N MET D 33 6.65 -5.90 -24.38
CA MET D 33 5.85 -4.76 -23.96
C MET D 33 5.25 -4.99 -22.58
N PHE D 34 5.57 -4.11 -21.64
CA PHE D 34 5.07 -4.26 -20.27
C PHE D 34 3.60 -4.01 -20.18
N THR D 35 2.90 -4.82 -19.40
CA THR D 35 1.47 -4.69 -19.22
C THR D 35 1.11 -3.73 -18.12
N ILE D 36 2.09 -3.34 -17.33
CA ILE D 36 1.93 -2.33 -16.33
C ILE D 36 3.31 -1.72 -16.06
N SER D 37 3.32 -0.51 -15.56
CA SER D 37 4.57 0.18 -15.35
C SER D 37 5.52 -0.53 -14.36
N GLN D 38 6.80 -0.59 -14.71
CA GLN D 38 7.84 -1.27 -13.90
C GLN D 38 8.82 -0.29 -13.25
N SER D 39 9.48 -0.75 -12.20
CA SER D 39 10.47 0.05 -11.51
C SER D 39 11.72 0.18 -12.34
N HIS D 40 12.46 1.25 -12.07
N HIS D 40 12.45 1.26 -12.13
CA HIS D 40 13.72 1.52 -12.76
CA HIS D 40 13.70 1.44 -12.85
C HIS D 40 14.71 0.37 -12.52
C HIS D 40 14.61 0.23 -12.55
N GLU D 41 14.79 -0.12 -11.29
CA GLU D 41 15.71 -1.21 -10.96
C GLU D 41 15.38 -2.48 -11.72
N GLU D 42 14.11 -2.79 -11.81
CA GLU D 42 13.67 -4.01 -12.50
C GLU D 42 13.93 -3.93 -14.01
N VAL D 43 13.57 -2.82 -14.60
CA VAL D 43 13.77 -2.69 -16.03
C VAL D 43 15.28 -2.59 -16.35
N THR D 44 16.04 -1.89 -15.51
CA THR D 44 17.47 -1.79 -15.73
C THR D 44 18.14 -3.17 -15.60
N SER D 45 17.70 -3.96 -14.62
CA SER D 45 18.19 -5.33 -14.40
C SER D 45 17.92 -6.27 -15.58
N GLU D 46 16.74 -6.13 -16.19
CA GLU D 46 16.34 -6.98 -17.30
C GLU D 46 17.29 -6.71 -18.48
N VAL D 47 17.52 -5.44 -18.75
CA VAL D 47 18.39 -5.00 -19.84
C VAL D 47 19.87 -5.36 -19.59
N ARG D 48 20.35 -5.06 -18.40
CA ARG D 48 21.74 -5.36 -17.99
C ARG D 48 22.05 -6.84 -18.16
N CYS D 49 21.24 -7.69 -17.53
CA CYS D 49 21.46 -9.14 -17.59
C CYS D 49 21.41 -9.67 -19.00
N PHE D 50 20.51 -9.11 -19.79
CA PHE D 50 20.37 -9.57 -21.13
C PHE D 50 21.59 -9.19 -21.95
N ASN D 51 22.04 -7.94 -21.84
CA ASN D 51 23.23 -7.50 -22.56
C ASN D 51 24.47 -8.23 -22.08
N GLN D 52 24.54 -8.52 -20.78
CA GLN D 52 25.67 -9.26 -20.23
C GLN D 52 25.75 -10.69 -20.78
N TYR D 53 24.62 -11.33 -20.99
CA TYR D 53 24.67 -12.69 -21.46
C TYR D 53 24.79 -12.72 -22.98
N TYR D 54 23.92 -11.99 -23.68
CA TYR D 54 23.91 -12.01 -25.14
C TYR D 54 24.81 -10.99 -25.87
N GLY D 55 25.41 -10.03 -25.16
CA GLY D 55 26.33 -9.03 -25.77
C GLY D 55 25.78 -7.61 -25.73
N SER D 56 26.66 -6.61 -25.75
CA SER D 56 26.25 -5.20 -25.49
C SER D 56 25.08 -4.52 -26.16
N GLY D 57 24.83 -4.85 -27.41
CA GLY D 57 23.68 -4.27 -28.10
C GLY D 57 22.44 -5.12 -28.13
N SER D 58 22.35 -6.10 -27.24
CA SER D 58 21.24 -7.05 -27.31
C SER D 58 19.89 -6.60 -26.76
N ALA D 59 19.86 -5.55 -25.96
CA ALA D 59 18.58 -5.09 -25.41
C ALA D 59 18.66 -3.61 -25.13
N GLU D 60 17.61 -2.88 -25.53
CA GLU D 60 17.52 -1.46 -25.27
C GLU D 60 16.11 -1.14 -24.81
N LYS D 61 15.96 -0.08 -24.05
CA LYS D 61 14.67 0.32 -23.53
C LYS D 61 13.87 1.01 -24.64
N ILE D 62 12.56 0.93 -24.53
CA ILE D 62 11.64 1.55 -25.47
C ILE D 62 10.89 2.57 -24.65
N TYR D 63 10.86 3.81 -25.15
CA TYR D 63 10.21 4.91 -24.47
C TYR D 63 9.01 5.41 -25.22
N ASN D 64 8.11 6.06 -24.48
CA ASN D 64 6.99 6.74 -25.09
C ASN D 64 7.36 8.23 -25.16
N ASP D 65 6.45 9.06 -25.67
CA ASP D 65 6.72 10.49 -25.75
C ASP D 65 6.91 11.17 -24.39
N ASN D 66 6.31 10.61 -23.35
CA ASN D 66 6.49 11.14 -21.99
C ASN D 66 7.84 10.75 -21.37
N GLY D 67 8.68 10.02 -22.10
CA GLY D 67 9.96 9.60 -21.56
C GLY D 67 9.86 8.47 -20.54
N ASN D 68 8.72 7.76 -20.50
CA ASN D 68 8.53 6.60 -19.62
C ASN D 68 8.86 5.34 -20.41
N VAL D 69 9.43 4.34 -19.74
CA VAL D 69 9.78 3.08 -20.39
C VAL D 69 8.53 2.25 -20.52
N ILE D 70 8.23 1.83 -21.76
CA ILE D 70 7.05 0.98 -22.03
C ILE D 70 7.36 -0.46 -22.43
N GLY D 71 8.64 -0.75 -22.66
CA GLY D 71 9.05 -2.09 -23.05
C GLY D 71 10.54 -2.15 -23.35
N ILE D 72 10.97 -3.28 -23.88
CA ILE D 72 12.37 -3.50 -24.22
C ILE D 72 12.46 -4.15 -25.60
N ARG D 73 13.37 -3.66 -26.44
CA ARG D 73 13.57 -4.25 -27.76
C ARG D 73 14.81 -5.07 -27.60
N MET D 74 14.70 -6.35 -27.88
CA MET D 74 15.82 -7.25 -27.71
C MET D 74 15.95 -8.26 -28.81
N ASN D 75 17.14 -8.81 -28.93
CA ASN D 75 17.41 -9.84 -29.87
C ASN D 75 16.45 -10.97 -29.80
N LYS D 76 15.99 -11.44 -30.97
CA LYS D 76 15.17 -12.62 -31.03
C LYS D 76 16.14 -13.73 -30.75
N ILE D 77 15.86 -14.49 -29.69
CA ILE D 77 16.71 -15.56 -29.27
C ILE D 77 16.42 -16.80 -30.09
N ASN D 78 17.48 -17.45 -30.51
CA ASN D 78 17.33 -18.66 -31.26
C ASN D 78 16.95 -19.86 -30.40
N GLY D 79 16.15 -20.75 -30.97
CA GLY D 79 15.71 -21.96 -30.30
C GLY D 79 14.21 -22.15 -30.20
N GLU D 80 13.82 -23.37 -29.84
CA GLU D 80 12.42 -23.75 -29.67
C GLU D 80 12.21 -24.01 -28.18
N SER D 81 11.02 -23.73 -27.68
CA SER D 81 10.72 -23.91 -26.24
C SER D 81 11.00 -25.32 -25.80
N LEU D 82 11.81 -25.47 -24.76
CA LEU D 82 12.10 -26.82 -24.30
C LEU D 82 10.85 -27.55 -23.77
N LEU D 83 9.80 -26.80 -23.43
CA LEU D 83 8.51 -27.35 -23.04
C LEU D 83 7.95 -28.31 -24.09
N ASP D 84 8.06 -27.91 -25.34
CA ASP D 84 7.46 -28.65 -26.45
C ASP D 84 8.47 -29.63 -27.10
N ILE D 85 9.63 -29.85 -26.48
CA ILE D 85 10.63 -30.79 -27.02
C ILE D 85 10.65 -32.02 -26.11
N PRO D 86 10.00 -33.12 -26.55
CA PRO D 86 9.95 -34.34 -25.72
C PRO D 86 11.26 -35.10 -25.61
N SER D 87 12.12 -35.00 -26.64
CA SER D 87 13.41 -35.71 -26.65
C SER D 87 14.58 -34.87 -27.08
N LEU D 88 15.69 -35.04 -26.36
CA LEU D 88 16.96 -34.30 -26.59
C LEU D 88 18.11 -35.25 -26.82
N PRO D 89 19.07 -34.83 -27.66
CA PRO D 89 20.24 -35.64 -27.89
C PRO D 89 21.15 -35.62 -26.66
N ALA D 90 22.09 -36.55 -26.61
CA ALA D 90 22.97 -36.68 -25.44
C ALA D 90 23.84 -35.46 -25.18
N GLN D 91 24.33 -34.82 -26.25
CA GLN D 91 25.25 -33.69 -26.14
C GLN D 91 24.59 -32.48 -25.53
N ALA D 92 23.28 -32.53 -25.34
CA ALA D 92 22.57 -31.46 -24.71
C ALA D 92 22.92 -31.36 -23.22
N GLU D 93 23.31 -32.46 -22.59
CA GLU D 93 23.72 -32.42 -21.17
C GLU D 93 24.82 -31.38 -20.98
N GLN D 94 25.87 -31.46 -21.78
CA GLN D 94 26.96 -30.50 -21.67
C GLN D 94 26.46 -29.08 -21.94
N ALA D 95 25.56 -28.94 -22.91
CA ALA D 95 25.02 -27.64 -23.30
C ALA D 95 24.35 -26.91 -22.16
N ILE D 96 23.60 -27.64 -21.34
CA ILE D 96 22.93 -27.02 -20.21
C ILE D 96 23.97 -26.61 -19.15
N TYR D 97 24.97 -27.44 -18.90
CA TYR D 97 26.02 -27.04 -17.97
C TYR D 97 26.74 -25.80 -18.54
N ASP D 98 26.89 -25.73 -19.86
CA ASP D 98 27.56 -24.60 -20.50
C ASP D 98 26.82 -23.31 -20.25
N MET D 99 25.50 -23.38 -20.35
CA MET D 99 24.68 -22.22 -20.15
C MET D 99 24.95 -21.67 -18.76
N PHE D 100 24.85 -22.54 -17.75
CA PHE D 100 25.08 -22.12 -16.38
C PHE D 100 26.48 -21.57 -16.21
N ASP D 101 27.48 -22.22 -16.78
CA ASP D 101 28.85 -21.70 -16.70
C ASP D 101 28.92 -20.25 -17.19
N ARG D 102 28.32 -20.00 -18.34
N ARG D 102 28.33 -20.02 -18.36
CA ARG D 102 28.34 -18.68 -18.96
CA ARG D 102 28.36 -18.68 -18.98
C ARG D 102 27.65 -17.66 -18.09
C ARG D 102 27.67 -17.66 -18.09
N LEU D 103 26.52 -18.03 -17.52
CA LEU D 103 25.79 -17.12 -16.63
C LEU D 103 26.63 -16.82 -15.39
N GLU D 104 27.20 -17.88 -14.82
CA GLU D 104 28.01 -17.73 -13.63
C GLU D 104 29.24 -16.85 -13.85
N LYS D 105 29.87 -16.92 -15.02
CA LYS D 105 31.06 -16.10 -15.30
C LYS D 105 30.71 -14.65 -15.29
N LYS D 106 29.53 -14.34 -15.82
CA LYS D 106 29.09 -12.95 -15.89
C LYS D 106 28.64 -12.44 -14.52
N GLY D 107 28.64 -13.32 -13.53
CA GLY D 107 28.23 -12.93 -12.21
C GLY D 107 26.73 -12.82 -12.14
N ILE D 108 26.04 -13.67 -12.90
CA ILE D 108 24.61 -13.82 -12.82
C ILE D 108 24.29 -15.15 -12.17
N LEU D 109 23.42 -15.13 -11.16
CA LEU D 109 22.93 -16.32 -10.50
C LEU D 109 21.49 -16.41 -10.99
N PHE D 110 21.32 -17.17 -12.05
CA PHE D 110 20.03 -17.33 -12.77
C PHE D 110 18.94 -17.81 -11.83
N VAL D 111 17.89 -17.04 -11.79
CA VAL D 111 16.78 -17.27 -10.87
C VAL D 111 15.68 -18.16 -11.42
N ASP D 112 15.06 -17.74 -12.53
CA ASP D 112 13.94 -18.48 -13.11
C ASP D 112 14.38 -19.65 -14.01
N THR D 113 14.63 -20.77 -13.36
CA THR D 113 15.11 -21.96 -14.00
C THR D 113 13.99 -22.90 -14.48
N THR D 114 12.76 -22.42 -14.63
CA THR D 114 11.69 -23.29 -15.09
C THR D 114 11.88 -23.55 -16.59
N GLU D 115 11.46 -24.72 -17.08
CA GLU D 115 11.56 -25.08 -18.51
C GLU D 115 11.04 -24.05 -19.47
N THR D 116 9.98 -23.36 -19.06
CA THR D 116 9.32 -22.42 -19.95
C THR D 116 10.19 -21.21 -20.13
N ASN D 117 11.20 -21.03 -19.29
CA ASN D 117 12.04 -19.85 -19.40
C ASN D 117 13.34 -20.11 -20.13
N VAL D 118 13.38 -21.21 -20.88
CA VAL D 118 14.56 -21.54 -21.67
C VAL D 118 14.22 -22.08 -23.06
N LEU D 119 15.06 -21.72 -24.04
CA LEU D 119 14.93 -22.26 -25.41
C LEU D 119 16.12 -23.15 -25.70
N TYR D 120 15.92 -24.16 -26.53
CA TYR D 120 16.99 -25.03 -26.96
C TYR D 120 17.18 -24.90 -28.49
N ASP D 121 18.39 -24.54 -28.90
CA ASP D 121 18.74 -24.41 -30.29
C ASP D 121 19.42 -25.72 -30.65
N ARG D 122 18.65 -26.66 -31.20
CA ARG D 122 19.23 -27.97 -31.59
C ARG D 122 20.33 -27.85 -32.62
N MET D 123 20.25 -26.84 -33.48
CA MET D 123 21.25 -26.68 -34.53
C MET D 123 22.64 -26.35 -33.92
N ARG D 124 22.70 -25.49 -32.91
CA ARG D 124 23.98 -25.13 -32.28
C ARG D 124 24.20 -25.87 -30.96
N ASN D 125 23.28 -26.76 -30.59
CA ASN D 125 23.32 -27.45 -29.30
C ASN D 125 23.58 -26.45 -28.18
N GLU D 126 22.67 -25.49 -28.02
CA GLU D 126 22.79 -24.46 -27.01
C GLU D 126 21.48 -24.22 -26.32
N PHE D 127 21.56 -23.91 -25.03
CA PHE D 127 20.40 -23.50 -24.26
C PHE D 127 20.51 -22.01 -24.06
N ASN D 128 19.43 -21.33 -24.39
CA ASN D 128 19.33 -19.91 -24.30
C ASN D 128 18.24 -19.47 -23.33
N PRO D 129 18.62 -18.78 -22.26
CA PRO D 129 17.64 -18.31 -21.29
C PRO D 129 16.93 -17.07 -21.81
N ILE D 130 15.64 -17.00 -21.51
CA ILE D 130 14.80 -15.93 -22.01
C ILE D 130 14.79 -14.75 -21.05
N ASP D 131 14.17 -14.92 -19.88
CA ASP D 131 14.04 -13.86 -18.94
C ASP D 131 15.13 -14.01 -17.88
N ILE D 132 16.18 -13.23 -18.04
CA ILE D 132 17.34 -13.39 -17.17
C ILE D 132 17.32 -12.40 -16.04
N SER D 133 17.43 -12.91 -14.82
CA SER D 133 17.50 -12.10 -13.63
C SER D 133 18.41 -12.86 -12.68
N SER D 134 18.97 -12.15 -11.69
CA SER D 134 19.91 -12.77 -10.78
C SER D 134 19.58 -12.60 -9.33
N TYR D 135 20.01 -13.57 -8.53
CA TYR D 135 19.89 -13.44 -7.09
C TYR D 135 20.89 -12.38 -6.77
N ASN D 136 20.65 -11.61 -5.71
CA ASN D 136 21.58 -10.56 -5.33
C ASN D 136 21.92 -10.68 -3.84
N VAL D 137 23.17 -11.02 -3.55
CA VAL D 137 23.64 -11.17 -2.16
C VAL D 137 23.87 -9.79 -1.51
N SER D 138 24.13 -8.77 -2.33
CA SER D 138 24.34 -7.41 -1.78
C SER D 138 23.03 -6.85 -1.20
N ASP D 139 21.91 -7.52 -1.53
CA ASP D 139 20.57 -7.22 -1.00
C ASP D 139 20.52 -7.77 0.43
N ILE D 140 20.08 -6.93 1.38
CA ILE D 140 20.03 -7.31 2.80
C ILE D 140 18.86 -8.27 3.01
N SER D 141 17.85 -8.19 2.15
CA SER D 141 16.77 -9.15 2.20
C SER D 141 17.36 -10.57 2.05
N TRP D 142 18.29 -10.76 1.11
CA TRP D 142 18.87 -12.08 0.84
C TRP D 142 20.23 -12.38 1.47
N SER D 143 20.33 -13.46 2.24
CA SER D 143 21.61 -13.90 2.83
C SER D 143 22.36 -14.82 1.82
N GLU D 144 23.65 -15.01 2.02
CA GLU D 144 24.43 -15.89 1.15
C GLU D 144 23.86 -17.28 1.11
N HIS D 145 23.54 -17.78 2.29
CA HIS D 145 23.05 -19.13 2.46
C HIS D 145 21.75 -19.30 1.70
N GLN D 146 20.82 -18.42 1.95
CA GLN D 146 19.56 -18.42 1.25
C GLN D 146 19.76 -18.41 -0.25
N VAL D 147 20.61 -17.50 -0.74
CA VAL D 147 20.87 -17.36 -2.16
C VAL D 147 21.47 -18.64 -2.74
N MET D 148 22.55 -19.15 -2.15
CA MET D 148 23.14 -20.36 -2.71
C MET D 148 22.21 -21.55 -2.69
N GLN D 149 21.43 -21.67 -1.63
CA GLN D 149 20.48 -22.77 -1.47
C GLN D 149 19.43 -22.69 -2.60
N SER D 150 18.85 -21.51 -2.81
CA SER D 150 17.87 -21.36 -3.85
C SER D 150 18.48 -21.46 -5.24
N TYR D 151 19.68 -20.93 -5.42
CA TYR D 151 20.29 -20.93 -6.74
C TYR D 151 20.56 -22.36 -7.15
N HIS D 152 21.20 -23.10 -6.25
CA HIS D 152 21.52 -24.50 -6.53
C HIS D 152 20.29 -25.34 -6.80
N GLY D 153 19.23 -25.13 -6.00
CA GLY D 153 18.01 -25.92 -6.14
C GLY D 153 17.43 -25.74 -7.51
N GLY D 154 17.48 -24.52 -8.00
CA GLY D 154 16.94 -24.25 -9.32
C GLY D 154 17.79 -24.82 -10.44
N LYS D 155 19.09 -24.78 -10.23
CA LYS D 155 20.02 -25.19 -11.24
C LYS D 155 19.91 -26.68 -11.38
N LEU D 156 19.92 -27.39 -10.27
CA LEU D 156 19.78 -28.84 -10.33
C LEU D 156 18.41 -29.23 -10.89
N ASP D 157 17.39 -28.47 -10.56
CA ASP D 157 16.09 -28.76 -11.07
C ASP D 157 16.04 -28.71 -12.60
N LEU D 158 16.58 -27.63 -13.17
CA LEU D 158 16.56 -27.46 -14.61
C LEU D 158 17.43 -28.53 -15.28
N ILE D 159 18.56 -28.82 -14.67
CA ILE D 159 19.44 -29.83 -15.18
C ILE D 159 18.67 -31.16 -15.20
N SER D 160 17.99 -31.48 -14.10
CA SER D 160 17.23 -32.71 -13.96
C SER D 160 16.15 -32.86 -15.06
N VAL D 161 15.53 -31.74 -15.39
CA VAL D 161 14.59 -31.70 -16.48
C VAL D 161 15.25 -32.03 -17.83
N VAL D 162 16.38 -31.39 -18.10
CA VAL D 162 17.14 -31.68 -19.31
C VAL D 162 17.52 -33.15 -19.34
N LEU D 163 18.08 -33.68 -18.24
CA LEU D 163 18.48 -35.10 -18.21
C LEU D 163 17.30 -36.05 -18.49
N SER D 164 16.09 -35.66 -18.08
CA SER D 164 14.91 -36.49 -18.28
C SER D 164 14.52 -36.60 -19.72
N LYS D 165 14.92 -35.63 -20.52
CA LYS D 165 14.56 -35.65 -21.93
C LYS D 165 15.56 -36.36 -22.82
N ILE D 166 16.65 -36.86 -22.23
CA ILE D 166 17.69 -37.55 -23.01
C ILE D 166 17.44 -39.06 -22.96
#